data_4XS3
#
_entry.id   4XS3
#
_cell.length_a   82.586
_cell.length_b   82.586
_cell.length_c   306.599
_cell.angle_alpha   90.000
_cell.angle_beta   90.000
_cell.angle_gamma   90.000
#
_symmetry.space_group_name_H-M   'P 43 21 2'
#
loop_
_entity.id
_entity.type
_entity.pdbx_description
1 polymer 'Isocitrate dehydrogenase [NADP] cytoplasmic'
2 non-polymer (E)-1-benzyl-5-((1-methyl-5-oxo-2-thioxoimidazolidin-4-ylidene)methyl)pyridin-2(1H)-one
3 non-polymer 'NADP NICOTINAMIDE-ADENINE-DINUCLEOTIDE PHOSPHATE'
#
_entity_poly.entity_id   1
_entity_poly.type   'polypeptide(L)'
_entity_poly.pdbx_seq_one_letter_code
;MSKKISGGSVVEMQGDEMTRIIWELIKEKLIFPYVELDLHSYDLGIENRDATNDQVTKDAAEAIKKHNVGVKCATITPDE
KRVEEFKLKQMWKSPNGTIRNILGGTVFREAIICKNIPRLVSGWVKPIIIGHHAYGDQYRATDFVVPGPGKVEITYTPSD
GTQKVTYLVHNFEEGGGVAMGMYNQDKSIEDFAHSSFQMALSKGWPLYLSTKNTILKKYDGRFKDIFQEIYDKQYKSQFE
AQKIWYEHRLIDDMVAQAMKSEGGFIWACKNYDGDVQSDSVAQGYGSLGMMTSVLVCPDGKTVEAEAAHGTVTRHYRMYQ
KGQETSTNPIASIFAWTRGLAHRAKLDNNKELAFFANALEEVSIETIEAGFMTKDLAACIKGLPNVQRSDYLNTFEFMDK
LGENLKIKLAQAKL
;
_entity_poly.pdbx_strand_id   A,B
#
# COMPACT_ATOMS: atom_id res chain seq x y z
N LYS A 3 8.24 -23.33 -41.81
CA LYS A 3 9.29 -23.68 -40.86
C LYS A 3 9.21 -22.84 -39.59
N LYS A 4 8.53 -21.70 -39.69
CA LYS A 4 8.31 -20.82 -38.55
C LYS A 4 6.81 -20.68 -38.28
N ILE A 5 6.48 -20.30 -37.05
CA ILE A 5 5.08 -20.17 -36.66
C ILE A 5 4.49 -18.93 -37.29
N SER A 6 3.28 -19.07 -37.84
CA SER A 6 2.54 -17.94 -38.42
C SER A 6 1.85 -17.17 -37.30
N GLY A 7 2.35 -15.98 -37.01
CA GLY A 7 1.85 -15.19 -35.90
C GLY A 7 0.52 -14.51 -36.15
N GLY A 8 0.53 -13.47 -36.97
CA GLY A 8 -0.67 -12.73 -37.28
C GLY A 8 -0.39 -11.24 -37.32
N SER A 9 -1.44 -10.46 -37.09
CA SER A 9 -1.33 -9.01 -37.09
C SER A 9 -1.03 -8.52 -35.68
N VAL A 10 0.14 -7.91 -35.52
CA VAL A 10 0.60 -7.43 -34.22
C VAL A 10 1.13 -6.01 -34.40
N VAL A 11 0.73 -5.12 -33.49
CA VAL A 11 1.22 -3.75 -33.48
C VAL A 11 2.42 -3.66 -32.53
N GLU A 12 3.57 -3.25 -33.06
CA GLU A 12 4.78 -3.06 -32.28
C GLU A 12 5.04 -1.58 -32.05
N MET A 13 5.50 -1.24 -30.84
CA MET A 13 5.88 0.12 -30.51
C MET A 13 7.28 0.09 -29.92
N GLN A 14 8.22 0.81 -30.54
CA GLN A 14 9.59 0.84 -30.09
C GLN A 14 9.81 2.00 -29.13
N GLY A 15 10.70 1.78 -28.16
CA GLY A 15 10.89 2.74 -27.10
C GLY A 15 12.23 3.46 -27.14
N ASP A 16 12.77 3.78 -25.97
CA ASP A 16 14.01 4.53 -25.87
C ASP A 16 15.04 3.78 -25.03
N GLU A 17 16.29 4.17 -25.23
CA GLU A 17 17.41 3.92 -24.31
C GLU A 17 17.57 2.42 -24.05
N MET A 18 17.78 2.03 -22.79
CA MET A 18 18.12 0.65 -22.48
C MET A 18 17.00 -0.30 -22.86
N THR A 19 15.76 0.14 -22.69
CA THR A 19 14.63 -0.67 -23.13
C THR A 19 14.59 -0.80 -24.65
N ARG A 20 15.09 0.19 -25.37
CA ARG A 20 15.23 0.05 -26.82
C ARG A 20 16.24 -1.04 -27.17
N ILE A 21 17.41 -1.02 -26.52
CA ILE A 21 18.44 -2.02 -26.79
C ILE A 21 17.94 -3.41 -26.45
N ILE A 22 17.41 -3.58 -25.23
CA ILE A 22 16.88 -4.87 -24.81
C ILE A 22 15.74 -5.31 -25.72
N TRP A 23 14.95 -4.36 -26.22
CA TRP A 23 13.88 -4.68 -27.15
C TRP A 23 14.42 -5.33 -28.41
N GLU A 24 15.37 -4.67 -29.07
CA GLU A 24 15.95 -5.25 -30.28
C GLU A 24 16.59 -6.61 -30.00
N LEU A 25 17.20 -6.77 -28.81
CA LEU A 25 17.75 -8.07 -28.46
C LEU A 25 16.66 -9.13 -28.34
N ILE A 26 15.53 -8.77 -27.73
CA ILE A 26 14.44 -9.71 -27.53
C ILE A 26 13.88 -10.18 -28.87
N LYS A 27 13.61 -9.25 -29.78
CA LYS A 27 13.13 -9.65 -31.09
C LYS A 27 14.15 -10.51 -31.82
N GLU A 28 15.36 -9.96 -32.00
CA GLU A 28 16.37 -10.63 -32.83
C GLU A 28 16.68 -12.03 -32.33
N LYS A 29 16.85 -12.22 -31.03
CA LYS A 29 17.33 -13.49 -30.50
C LYS A 29 16.24 -14.36 -29.88
N LEU A 30 15.01 -13.89 -29.80
CA LEU A 30 13.98 -14.68 -29.14
C LEU A 30 12.68 -14.78 -29.92
N ILE A 31 12.33 -13.75 -30.70
CA ILE A 31 11.01 -13.73 -31.32
C ILE A 31 11.11 -14.07 -32.80
N PHE A 32 11.89 -13.27 -33.53
CA PHE A 32 11.99 -13.45 -34.98
C PHE A 32 12.50 -14.82 -35.42
N PRO A 33 13.50 -15.45 -34.77
CA PRO A 33 13.96 -16.77 -35.25
C PRO A 33 12.89 -17.85 -35.23
N TYR A 34 11.73 -17.62 -34.63
CA TYR A 34 10.72 -18.67 -34.51
C TYR A 34 9.32 -18.25 -34.95
N VAL A 35 9.05 -16.96 -35.13
CA VAL A 35 7.70 -16.48 -35.42
C VAL A 35 7.78 -15.47 -36.56
N GLU A 36 6.90 -15.63 -37.56
CA GLU A 36 6.70 -14.66 -38.63
C GLU A 36 5.46 -13.83 -38.33
N LEU A 37 5.58 -12.50 -38.41
CA LEU A 37 4.50 -11.60 -38.02
C LEU A 37 4.24 -10.57 -39.11
N ASP A 38 2.96 -10.30 -39.34
CA ASP A 38 2.54 -9.14 -40.14
C ASP A 38 2.71 -7.90 -39.26
N LEU A 39 3.93 -7.40 -39.21
CA LEU A 39 4.34 -6.48 -38.17
C LEU A 39 3.93 -5.04 -38.51
N HIS A 40 3.20 -4.41 -37.58
CA HIS A 40 2.86 -3.00 -37.66
C HIS A 40 3.79 -2.24 -36.71
N SER A 41 5.00 -1.98 -37.18
CA SER A 41 6.01 -1.31 -36.36
C SER A 41 5.77 0.19 -36.31
N TYR A 42 5.95 0.77 -35.12
CA TYR A 42 5.87 2.21 -34.92
C TYR A 42 6.99 2.63 -33.98
N ASP A 43 7.81 3.58 -34.42
CA ASP A 43 8.95 4.05 -33.64
C ASP A 43 8.49 5.17 -32.72
N LEU A 44 8.23 4.84 -31.46
CA LEU A 44 7.84 5.82 -30.45
C LEU A 44 9.02 6.37 -29.67
N GLY A 45 10.22 6.33 -30.25
CA GLY A 45 11.35 7.02 -29.66
C GLY A 45 11.11 8.52 -29.63
N ILE A 46 11.81 9.19 -28.71
CA ILE A 46 11.57 10.60 -28.48
C ILE A 46 11.93 11.42 -29.73
N GLU A 47 12.90 10.96 -30.51
CA GLU A 47 13.33 11.72 -31.68
C GLU A 47 12.28 11.64 -32.80
N ASN A 48 11.68 10.46 -32.99
CA ASN A 48 10.65 10.35 -34.02
C ASN A 48 9.33 10.94 -33.56
N ARG A 49 9.00 10.78 -32.28
CA ARG A 49 7.83 11.47 -31.74
C ARG A 49 7.97 12.98 -31.86
N ASP A 50 9.20 13.48 -31.72
CA ASP A 50 9.44 14.90 -31.92
C ASP A 50 9.30 15.27 -33.39
N ALA A 51 9.95 14.50 -34.27
CA ALA A 51 9.97 14.84 -35.69
C ALA A 51 8.57 14.80 -36.30
N THR A 52 7.76 13.83 -35.91
CA THR A 52 6.41 13.69 -36.43
C THR A 52 5.38 14.44 -35.60
N ASN A 53 5.80 15.12 -34.53
CA ASN A 53 4.91 15.88 -33.64
C ASN A 53 3.92 14.93 -32.95
N ASP A 54 4.46 13.91 -32.30
CA ASP A 54 3.72 12.88 -31.56
C ASP A 54 2.66 12.19 -32.41
N GLN A 55 2.67 12.39 -33.72
CA GLN A 55 1.69 11.76 -34.60
C GLN A 55 1.89 10.24 -34.65
N VAL A 56 3.13 9.77 -34.54
CA VAL A 56 3.39 8.34 -34.51
C VAL A 56 2.69 7.69 -33.33
N THR A 57 2.53 8.42 -32.23
CA THR A 57 1.81 7.87 -31.08
C THR A 57 0.34 7.65 -31.39
N LYS A 58 -0.32 8.68 -31.94
CA LYS A 58 -1.72 8.54 -32.32
C LYS A 58 -1.89 7.41 -33.33
N ASP A 59 -1.03 7.37 -34.35
CA ASP A 59 -1.11 6.33 -35.36
C ASP A 59 -0.97 4.95 -34.73
N ALA A 60 0.01 4.78 -33.83
CA ALA A 60 0.20 3.49 -33.17
C ALA A 60 -1.02 3.09 -32.36
N ALA A 61 -1.57 4.03 -31.60
CA ALA A 61 -2.77 3.74 -30.81
C ALA A 61 -3.92 3.29 -31.71
N GLU A 62 -4.14 4.01 -32.81
CA GLU A 62 -5.21 3.65 -33.74
C GLU A 62 -4.97 2.27 -34.34
N ALA A 63 -3.71 1.95 -34.62
CA ALA A 63 -3.37 0.63 -35.15
C ALA A 63 -3.66 -0.46 -34.14
N ILE A 64 -3.42 -0.20 -32.85
CA ILE A 64 -3.80 -1.16 -31.82
C ILE A 64 -5.31 -1.31 -31.79
N LYS A 65 -6.04 -0.20 -31.93
CA LYS A 65 -7.50 -0.28 -31.94
C LYS A 65 -8.01 -1.08 -33.12
N LYS A 66 -7.26 -1.11 -34.23
CA LYS A 66 -7.67 -1.85 -35.41
C LYS A 66 -7.27 -3.32 -35.37
N HIS A 67 -6.07 -3.64 -34.90
CA HIS A 67 -5.53 -4.99 -34.97
C HIS A 67 -5.49 -5.70 -33.62
N ASN A 68 -6.12 -5.13 -32.59
CA ASN A 68 -6.43 -5.80 -31.33
C ASN A 68 -5.23 -6.05 -30.43
N VAL A 69 -4.05 -6.35 -30.99
CA VAL A 69 -2.91 -6.77 -30.19
C VAL A 69 -1.79 -5.75 -30.33
N GLY A 70 -1.36 -5.20 -29.20
CA GLY A 70 -0.25 -4.26 -29.19
C GLY A 70 0.79 -4.61 -28.15
N VAL A 71 2.05 -4.39 -28.50
CA VAL A 71 3.17 -4.60 -27.59
C VAL A 71 4.06 -3.38 -27.62
N LYS A 72 4.27 -2.75 -26.46
CA LYS A 72 4.96 -1.47 -26.40
C LYS A 72 6.25 -1.61 -25.61
N CYS A 73 7.28 -0.89 -26.06
CA CYS A 73 8.53 -0.73 -25.34
C CYS A 73 8.48 0.57 -24.53
N ALA A 74 9.28 0.60 -23.48
CA ALA A 74 9.28 1.76 -22.58
C ALA A 74 9.74 3.00 -23.32
N THR A 75 8.94 4.06 -23.23
CA THR A 75 9.17 5.30 -23.95
C THR A 75 9.40 6.43 -22.96
N ILE A 76 10.30 7.34 -23.31
CA ILE A 76 10.59 8.48 -22.46
C ILE A 76 9.35 9.35 -22.35
N THR A 77 8.98 9.71 -21.11
CA THR A 77 7.98 10.74 -20.89
C THR A 77 8.70 12.05 -20.62
N PRO A 78 8.57 13.06 -21.49
CA PRO A 78 9.47 14.22 -21.42
C PRO A 78 9.09 15.19 -20.32
N ASP A 79 10.10 15.65 -19.59
CA ASP A 79 9.95 16.77 -18.67
C ASP A 79 10.86 17.91 -19.10
N GLU A 80 11.23 18.78 -18.16
CA GLU A 80 12.05 19.94 -18.51
C GLU A 80 13.46 19.52 -18.91
N LYS A 81 14.10 18.66 -18.11
CA LYS A 81 15.44 18.20 -18.46
C LYS A 81 15.44 17.36 -19.73
N ARG A 82 14.32 16.73 -20.07
CA ARG A 82 14.24 16.01 -21.34
C ARG A 82 14.15 16.97 -22.51
N VAL A 83 13.28 17.97 -22.41
CA VAL A 83 13.19 19.00 -23.45
C VAL A 83 14.54 19.67 -23.65
N GLU A 84 15.24 19.98 -22.55
CA GLU A 84 16.56 20.58 -22.65
C GLU A 84 17.55 19.61 -23.27
N GLU A 85 17.45 18.32 -22.94
CA GLU A 85 18.40 17.34 -23.45
C GLU A 85 18.28 17.17 -24.96
N PHE A 86 17.05 16.98 -25.46
CA PHE A 86 16.83 16.66 -26.86
C PHE A 86 16.47 17.88 -27.71
N LYS A 87 16.46 19.07 -27.13
CA LYS A 87 16.02 20.29 -27.83
C LYS A 87 14.61 20.09 -28.38
N LEU A 88 13.73 19.54 -27.54
CA LEU A 88 12.38 19.19 -27.97
C LEU A 88 11.61 20.44 -28.38
N LYS A 89 10.86 20.33 -29.48
CA LYS A 89 10.00 21.42 -29.90
C LYS A 89 8.86 21.64 -28.91
N GLN A 90 8.46 20.61 -28.19
CA GLN A 90 7.36 20.69 -27.25
C GLN A 90 7.58 19.64 -26.17
N MET A 91 6.86 19.77 -25.07
CA MET A 91 6.88 18.78 -23.98
C MET A 91 5.70 17.85 -24.22
N TRP A 92 5.95 16.79 -25.00
CA TRP A 92 4.87 15.91 -25.45
C TRP A 92 4.25 15.13 -24.30
N LYS A 93 2.97 14.82 -24.45
CA LYS A 93 2.24 14.02 -23.47
C LYS A 93 2.79 12.61 -23.43
N SER A 94 2.48 11.90 -22.35
CA SER A 94 2.96 10.54 -22.19
C SER A 94 2.30 9.63 -23.23
N PRO A 95 3.08 8.79 -23.92
CA PRO A 95 2.45 7.86 -24.88
C PRO A 95 1.45 6.93 -24.22
N ASN A 96 1.71 6.50 -22.99
CA ASN A 96 0.73 5.70 -22.26
C ASN A 96 -0.55 6.50 -22.04
N GLY A 97 -0.41 7.81 -21.76
CA GLY A 97 -1.59 8.63 -21.57
C GLY A 97 -2.41 8.77 -22.84
N THR A 98 -1.74 9.01 -23.97
CA THR A 98 -2.45 9.13 -25.24
C THR A 98 -3.12 7.81 -25.63
N ILE A 99 -2.34 6.74 -25.68
CA ILE A 99 -2.85 5.44 -26.11
C ILE A 99 -3.95 4.95 -25.19
N ARG A 100 -3.81 5.20 -23.88
CA ARG A 100 -4.83 4.80 -22.92
C ARG A 100 -6.09 5.64 -23.07
N ASN A 101 -5.94 6.93 -23.35
CA ASN A 101 -7.12 7.76 -23.59
C ASN A 101 -7.77 7.49 -24.95
N ILE A 102 -7.15 6.71 -25.82
CA ILE A 102 -7.78 6.36 -27.09
C ILE A 102 -8.38 4.96 -27.03
N LEU A 103 -7.75 4.05 -26.29
CA LEU A 103 -8.20 2.66 -26.22
C LEU A 103 -9.11 2.38 -25.03
N GLY A 104 -9.05 3.18 -23.98
CA GLY A 104 -9.80 2.87 -22.78
C GLY A 104 -9.23 1.63 -22.11
N GLY A 105 -10.09 0.98 -21.33
CA GLY A 105 -9.72 -0.25 -20.66
C GLY A 105 -9.12 -0.02 -19.28
N THR A 106 -8.70 -1.13 -18.68
CA THR A 106 -8.19 -1.16 -17.32
C THR A 106 -6.80 -1.79 -17.30
N VAL A 107 -5.92 -1.26 -16.46
CA VAL A 107 -4.56 -1.74 -16.37
C VAL A 107 -4.47 -2.82 -15.30
N PHE A 108 -3.86 -3.95 -15.67
CA PHE A 108 -3.61 -5.07 -14.77
C PHE A 108 -2.11 -5.29 -14.71
N ARG A 109 -1.56 -5.27 -13.50
CA ARG A 109 -0.15 -5.51 -13.27
C ARG A 109 0.03 -6.83 -12.55
N GLU A 110 0.91 -7.68 -13.09
CA GLU A 110 1.21 -8.98 -12.51
C GLU A 110 2.70 -9.08 -12.25
N ALA A 111 3.05 -9.51 -11.04
CA ALA A 111 4.43 -9.82 -10.68
C ALA A 111 4.71 -11.29 -10.96
N ILE A 112 5.92 -11.58 -11.44
CA ILE A 112 6.34 -12.93 -11.80
C ILE A 112 7.11 -13.51 -10.62
N ILE A 113 6.63 -14.64 -10.09
CA ILE A 113 7.15 -15.24 -8.87
C ILE A 113 8.06 -16.42 -9.22
N CYS A 114 9.29 -16.34 -8.76
CA CYS A 114 10.22 -17.47 -8.81
C CYS A 114 10.26 -18.15 -7.46
N LYS A 115 10.45 -19.48 -7.47
CA LYS A 115 10.44 -20.22 -6.21
C LYS A 115 11.67 -19.95 -5.36
N ASN A 116 12.63 -19.18 -5.88
CA ASN A 116 13.83 -18.79 -5.14
C ASN A 116 13.89 -17.28 -4.94
N ILE A 117 12.75 -16.59 -5.05
CA ILE A 117 12.71 -15.13 -4.93
C ILE A 117 11.98 -14.79 -3.63
N PRO A 118 12.45 -13.79 -2.88
CA PRO A 118 11.76 -13.41 -1.63
C PRO A 118 10.34 -12.95 -1.90
N ARG A 119 9.37 -13.68 -1.34
CA ARG A 119 7.96 -13.38 -1.54
C ARG A 119 7.55 -12.18 -0.70
N LYS A 126 2.14 -18.48 -5.97
CA LYS A 126 1.19 -18.11 -7.00
C LYS A 126 1.06 -16.60 -7.11
N PRO A 127 1.07 -16.08 -8.33
CA PRO A 127 1.07 -14.63 -8.54
C PRO A 127 -0.30 -14.01 -8.28
N ILE A 128 -0.26 -12.71 -8.01
CA ILE A 128 -1.46 -11.91 -7.76
C ILE A 128 -1.50 -10.78 -8.78
N ILE A 129 -2.62 -10.67 -9.49
CA ILE A 129 -2.79 -9.69 -10.56
C ILE A 129 -3.68 -8.56 -10.04
N ILE A 130 -3.18 -7.33 -10.12
CA ILE A 130 -3.85 -6.18 -9.54
C ILE A 130 -4.22 -5.21 -10.65
N GLY A 131 -5.52 -5.02 -10.86
CA GLY A 131 -6.03 -4.06 -11.83
C GLY A 131 -6.54 -2.82 -11.14
N HIS A 132 -6.16 -1.66 -11.67
CA HIS A 132 -6.55 -0.38 -11.09
C HIS A 132 -7.48 0.37 -12.04
N HIS A 133 -8.49 1.01 -11.47
CA HIS A 133 -9.48 1.73 -12.24
C HIS A 133 -8.87 2.89 -13.03
N TYR A 139 -7.18 10.66 -9.84
CA TYR A 139 -6.53 11.04 -11.09
C TYR A 139 -7.03 12.40 -11.55
N ARG A 140 -8.24 12.43 -12.10
CA ARG A 140 -8.90 13.68 -12.48
C ARG A 140 -9.78 14.11 -11.33
N ALA A 141 -9.19 14.89 -10.42
CA ALA A 141 -9.86 15.42 -9.25
C ALA A 141 -9.61 16.92 -9.19
N THR A 142 -10.64 17.67 -8.82
CA THR A 142 -10.58 19.13 -8.89
C THR A 142 -10.38 19.64 -7.47
N ASP A 143 -9.13 19.95 -7.13
CA ASP A 143 -8.75 20.42 -5.81
C ASP A 143 -8.34 21.88 -5.84
N PHE A 144 -8.55 22.56 -4.71
CA PHE A 144 -8.20 23.96 -4.58
C PHE A 144 -8.06 24.30 -3.10
N VAL A 145 -7.35 25.38 -2.83
CA VAL A 145 -7.06 25.85 -1.48
C VAL A 145 -8.17 26.79 -1.03
N VAL A 146 -8.54 26.70 0.24
CA VAL A 146 -9.53 27.60 0.84
C VAL A 146 -8.76 28.64 1.66
N PRO A 147 -8.83 29.92 1.29
CA PRO A 147 -8.04 30.94 2.02
C PRO A 147 -8.57 31.27 3.40
N GLY A 148 -9.88 31.52 3.51
CA GLY A 148 -10.48 31.85 4.78
C GLY A 148 -11.88 31.28 4.94
N PRO A 149 -12.60 31.78 5.95
CA PRO A 149 -13.96 31.27 6.21
C PRO A 149 -14.89 31.47 5.02
N GLY A 150 -15.90 30.62 4.94
CA GLY A 150 -16.84 30.65 3.85
C GLY A 150 -17.54 29.31 3.72
N LYS A 151 -18.34 29.18 2.68
CA LYS A 151 -19.08 27.95 2.42
C LYS A 151 -18.52 27.26 1.17
N VAL A 152 -18.08 26.02 1.34
CA VAL A 152 -17.67 25.17 0.22
C VAL A 152 -18.80 24.17 -0.03
N GLU A 153 -19.51 24.37 -1.13
CA GLU A 153 -20.65 23.55 -1.53
C GLU A 153 -20.35 22.84 -2.83
N ILE A 154 -21.08 21.76 -3.09
CA ILE A 154 -21.01 21.04 -4.36
C ILE A 154 -22.43 20.90 -4.90
N THR A 155 -22.65 21.35 -6.13
CA THR A 155 -24.00 21.42 -6.69
C THR A 155 -24.07 20.59 -7.96
N TYR A 156 -25.12 19.77 -8.06
CA TYR A 156 -25.43 19.01 -9.25
C TYR A 156 -26.68 19.62 -9.89
N THR A 157 -26.60 19.91 -11.18
CA THR A 157 -27.70 20.52 -11.91
C THR A 157 -28.07 19.63 -13.09
N PRO A 158 -29.27 19.06 -13.12
CA PRO A 158 -29.62 18.15 -14.22
C PRO A 158 -29.64 18.86 -15.57
N SER A 159 -29.43 18.07 -16.62
CA SER A 159 -29.45 18.61 -17.98
C SER A 159 -30.87 18.98 -18.41
N ASP A 160 -31.88 18.26 -17.90
CA ASP A 160 -33.28 18.50 -18.25
C ASP A 160 -33.92 19.60 -17.40
N GLY A 161 -33.16 20.64 -17.03
CA GLY A 161 -33.74 21.79 -16.36
C GLY A 161 -34.45 21.51 -15.05
N THR A 162 -34.27 20.30 -14.51
CA THR A 162 -34.90 19.94 -13.25
C THR A 162 -34.30 20.78 -12.12
N GLN A 163 -34.95 20.71 -10.95
CA GLN A 163 -34.45 21.40 -9.77
C GLN A 163 -33.01 20.99 -9.47
N LYS A 164 -32.20 21.98 -9.07
CA LYS A 164 -30.80 21.72 -8.75
C LYS A 164 -30.66 21.34 -7.28
N VAL A 165 -29.76 20.39 -7.02
CA VAL A 165 -29.53 19.85 -5.69
C VAL A 165 -28.17 20.34 -5.20
N THR A 166 -28.15 20.97 -4.04
CA THR A 166 -26.94 21.55 -3.48
C THR A 166 -26.62 20.84 -2.17
N TYR A 167 -25.41 20.27 -2.10
CA TYR A 167 -24.89 19.70 -0.86
C TYR A 167 -23.80 20.61 -0.32
N LEU A 168 -23.64 20.61 1.00
CA LEU A 168 -22.60 21.38 1.66
C LEU A 168 -21.43 20.44 1.95
N VAL A 169 -20.30 20.69 1.29
CA VAL A 169 -19.09 19.96 1.63
C VAL A 169 -18.61 20.35 3.03
N HIS A 170 -18.51 21.66 3.27
CA HIS A 170 -18.26 22.13 4.64
C HIS A 170 -18.43 23.63 4.71
N ASN A 171 -18.84 24.10 5.89
CA ASN A 171 -18.89 25.51 6.22
C ASN A 171 -17.70 25.83 7.13
N PHE A 172 -16.75 26.58 6.59
CA PHE A 172 -15.58 27.04 7.34
C PHE A 172 -15.96 28.29 8.13
N GLU A 173 -15.97 28.17 9.45
CA GLU A 173 -16.07 29.33 10.33
C GLU A 173 -14.82 29.54 11.16
N GLU A 174 -14.04 28.47 11.40
CA GLU A 174 -12.82 28.58 12.17
C GLU A 174 -11.71 29.27 11.38
N GLY A 175 -11.64 29.01 10.07
CA GLY A 175 -10.59 29.60 9.26
C GLY A 175 -10.55 28.98 7.88
N GLY A 176 -9.34 28.92 7.33
CA GLY A 176 -9.14 28.39 6.00
C GLY A 176 -9.00 26.89 5.97
N GLY A 177 -8.56 26.38 4.81
CA GLY A 177 -8.34 24.97 4.61
C GLY A 177 -8.07 24.58 3.17
N VAL A 178 -8.72 23.50 2.72
CA VAL A 178 -8.57 22.97 1.37
C VAL A 178 -9.81 22.15 1.05
N ALA A 179 -10.11 22.02 -0.23
CA ALA A 179 -11.27 21.26 -0.67
C ALA A 179 -10.99 20.63 -2.02
N MET A 180 -11.77 19.62 -2.37
CA MET A 180 -11.60 18.94 -3.65
C MET A 180 -12.89 18.20 -4.02
N GLY A 181 -13.02 17.90 -5.30
CA GLY A 181 -14.19 17.19 -5.80
C GLY A 181 -13.78 16.08 -6.76
N MET A 182 -14.49 14.97 -6.68
CA MET A 182 -14.23 13.80 -7.50
C MET A 182 -15.53 13.31 -8.12
N TYR A 183 -15.39 12.60 -9.24
CA TYR A 183 -16.52 12.08 -9.98
C TYR A 183 -16.17 10.71 -10.54
N ASN A 184 -17.19 10.05 -11.10
CA ASN A 184 -17.00 8.78 -11.79
C ASN A 184 -18.28 8.42 -12.54
N GLN A 185 -18.21 8.28 -13.86
CA GLN A 185 -19.43 7.98 -14.62
C GLN A 185 -19.71 6.49 -14.61
N ASP A 186 -20.95 6.14 -14.98
CA ASP A 186 -21.36 4.74 -14.96
C ASP A 186 -20.60 3.93 -16.00
N LYS A 187 -20.41 4.49 -17.20
CA LYS A 187 -19.71 3.78 -18.26
C LYS A 187 -18.32 3.36 -17.81
N SER A 188 -17.65 4.20 -17.03
CA SER A 188 -16.30 3.87 -16.55
C SER A 188 -16.33 2.67 -15.62
N ILE A 189 -17.28 2.64 -14.68
CA ILE A 189 -17.39 1.51 -13.76
C ILE A 189 -17.76 0.23 -14.51
N GLU A 190 -18.62 0.35 -15.53
CA GLU A 190 -18.98 -0.82 -16.32
C GLU A 190 -17.78 -1.35 -17.10
N ASP A 191 -16.95 -0.44 -17.63
CA ASP A 191 -15.73 -0.88 -18.30
C ASP A 191 -14.77 -1.55 -17.33
N PHE A 192 -14.66 -1.01 -16.11
CA PHE A 192 -13.80 -1.61 -15.10
C PHE A 192 -14.25 -3.02 -14.76
N ALA A 193 -15.54 -3.20 -14.48
CA ALA A 193 -16.06 -4.53 -14.15
C ALA A 193 -15.94 -5.48 -15.32
N HIS A 194 -16.26 -5.01 -16.53
CA HIS A 194 -16.13 -5.86 -17.72
C HIS A 194 -14.71 -6.36 -17.90
N SER A 195 -13.74 -5.44 -17.95
CA SER A 195 -12.35 -5.87 -18.13
C SER A 195 -11.88 -6.77 -16.99
N SER A 196 -12.40 -6.54 -15.77
CA SER A 196 -12.05 -7.40 -14.64
C SER A 196 -12.57 -8.82 -14.83
N PHE A 197 -13.81 -8.96 -15.31
CA PHE A 197 -14.36 -10.28 -15.57
C PHE A 197 -13.65 -10.96 -16.74
N GLN A 198 -13.32 -10.19 -17.79
CA GLN A 198 -12.61 -10.75 -18.93
C GLN A 198 -11.25 -11.29 -18.51
N MET A 199 -10.51 -10.52 -17.69
CA MET A 199 -9.23 -11.01 -17.19
C MET A 199 -9.42 -12.20 -16.25
N ALA A 200 -10.48 -12.18 -15.44
CA ALA A 200 -10.72 -13.30 -14.53
C ALA A 200 -10.96 -14.59 -15.30
N LEU A 201 -11.68 -14.53 -16.42
CA LEU A 201 -11.91 -15.71 -17.23
C LEU A 201 -10.68 -16.08 -18.05
N SER A 202 -9.88 -15.08 -18.43
CA SER A 202 -8.67 -15.35 -19.20
C SER A 202 -7.62 -16.07 -18.36
N LYS A 203 -7.51 -15.71 -17.07
CA LYS A 203 -6.55 -16.38 -16.19
C LYS A 203 -7.13 -17.55 -15.44
N GLY A 204 -8.45 -17.70 -15.40
CA GLY A 204 -9.04 -18.81 -14.69
C GLY A 204 -8.90 -18.75 -13.18
N TRP A 205 -8.59 -17.58 -12.63
CA TRP A 205 -8.53 -17.36 -11.20
C TRP A 205 -9.73 -16.54 -10.75
N PRO A 206 -10.07 -16.57 -9.46
CA PRO A 206 -11.22 -15.77 -8.99
C PRO A 206 -10.94 -14.28 -9.03
N LEU A 207 -12.01 -13.51 -8.94
CA LEU A 207 -11.96 -12.04 -9.00
C LEU A 207 -12.53 -11.46 -7.72
N TYR A 208 -11.84 -10.48 -7.16
CA TYR A 208 -12.27 -9.81 -5.94
C TYR A 208 -12.33 -8.30 -6.15
N LEU A 209 -13.40 -7.69 -5.65
CA LEU A 209 -13.56 -6.24 -5.64
C LEU A 209 -13.49 -5.73 -4.21
N SER A 210 -12.59 -4.79 -3.96
CA SER A 210 -12.43 -4.20 -2.63
C SER A 210 -12.74 -2.71 -2.71
N THR A 211 -13.57 -2.24 -1.80
CA THR A 211 -13.99 -0.85 -1.79
C THR A 211 -14.15 -0.39 -0.34
N LYS A 212 -14.29 0.92 -0.17
CA LYS A 212 -14.78 1.49 1.08
C LYS A 212 -16.30 1.63 1.01
N ASN A 213 -16.95 0.46 0.93
CA ASN A 213 -18.39 0.39 0.69
C ASN A 213 -19.22 0.97 1.83
N THR A 214 -18.67 1.07 3.03
CA THR A 214 -19.43 1.56 4.18
C THR A 214 -19.22 3.04 4.44
N ILE A 215 -17.98 3.52 4.38
CA ILE A 215 -17.72 4.94 4.60
C ILE A 215 -18.32 5.77 3.46
N LEU A 216 -17.88 5.50 2.22
CA LEU A 216 -18.47 6.13 1.04
C LEU A 216 -19.61 5.25 0.56
N LYS A 217 -20.75 5.37 1.25
CA LYS A 217 -21.89 4.48 1.02
C LYS A 217 -22.35 4.54 -0.43
N LYS A 218 -22.68 5.74 -0.92
CA LYS A 218 -23.21 5.85 -2.27
C LYS A 218 -22.10 5.69 -3.31
N TYR A 219 -20.89 6.18 -3.00
CA TYR A 219 -19.82 6.19 -3.99
C TYR A 219 -19.35 4.77 -4.26
N ASP A 220 -18.82 4.10 -3.24
CA ASP A 220 -18.33 2.73 -3.45
C ASP A 220 -19.48 1.74 -3.51
N GLY A 221 -20.62 2.06 -2.90
CA GLY A 221 -21.80 1.25 -3.09
C GLY A 221 -22.22 1.18 -4.55
N ARG A 222 -22.02 2.28 -5.29
CA ARG A 222 -22.28 2.25 -6.72
C ARG A 222 -21.38 1.23 -7.40
N PHE A 223 -20.10 1.19 -7.02
CA PHE A 223 -19.18 0.21 -7.59
C PHE A 223 -19.61 -1.22 -7.28
N LYS A 224 -19.89 -1.50 -6.00
CA LYS A 224 -20.33 -2.85 -5.63
C LYS A 224 -21.57 -3.26 -6.41
N ASP A 225 -22.57 -2.37 -6.48
CA ASP A 225 -23.81 -2.70 -7.16
C ASP A 225 -23.58 -2.97 -8.65
N ILE A 226 -22.89 -2.05 -9.33
CA ILE A 226 -22.66 -2.23 -10.77
C ILE A 226 -21.89 -3.51 -11.03
N PHE A 227 -20.90 -3.81 -10.19
CA PHE A 227 -20.13 -5.04 -10.34
C PHE A 227 -21.03 -6.27 -10.20
N GLN A 228 -21.93 -6.26 -9.21
CA GLN A 228 -22.81 -7.41 -9.02
C GLN A 228 -23.78 -7.57 -10.19
N GLU A 229 -24.36 -6.47 -10.66
CA GLU A 229 -25.30 -6.51 -11.78
C GLU A 229 -24.64 -7.05 -13.04
N ILE A 230 -23.43 -6.55 -13.34
CA ILE A 230 -22.71 -7.04 -14.51
C ILE A 230 -22.35 -8.51 -14.33
N TYR A 231 -22.01 -8.90 -13.10
CA TYR A 231 -21.70 -10.30 -12.82
C TYR A 231 -22.90 -11.20 -13.12
N ASP A 232 -24.11 -10.75 -12.78
CA ASP A 232 -25.29 -11.60 -12.93
C ASP A 232 -25.84 -11.61 -14.35
N LYS A 233 -25.92 -10.45 -15.02
CA LYS A 233 -26.54 -10.39 -16.33
C LYS A 233 -25.58 -10.67 -17.48
N GLN A 234 -24.39 -11.20 -17.20
CA GLN A 234 -23.43 -11.42 -18.28
C GLN A 234 -22.57 -12.66 -18.02
N TYR A 235 -21.99 -12.74 -16.83
CA TYR A 235 -21.00 -13.76 -16.50
C TYR A 235 -21.65 -14.76 -15.52
N LYS A 236 -21.02 -15.07 -14.39
CA LYS A 236 -21.53 -16.02 -13.40
C LYS A 236 -21.72 -17.41 -13.98
N SER A 237 -22.39 -17.53 -15.13
CA SER A 237 -22.54 -18.84 -15.78
C SER A 237 -21.19 -19.37 -16.22
N GLN A 238 -20.41 -18.54 -16.91
CA GLN A 238 -19.09 -18.96 -17.37
C GLN A 238 -18.12 -19.11 -16.20
N PHE A 239 -18.30 -18.32 -15.14
CA PHE A 239 -17.50 -18.49 -13.93
C PHE A 239 -17.75 -19.87 -13.32
N GLU A 240 -19.03 -20.21 -13.12
CA GLU A 240 -19.37 -21.54 -12.61
C GLU A 240 -18.92 -22.64 -13.56
N ALA A 241 -18.82 -22.34 -14.85
CA ALA A 241 -18.34 -23.30 -15.82
C ALA A 241 -16.82 -23.43 -15.80
N GLN A 242 -16.14 -22.87 -14.80
CA GLN A 242 -14.70 -22.98 -14.69
C GLN A 242 -14.21 -23.10 -13.25
N LYS A 243 -15.10 -23.48 -12.32
CA LYS A 243 -14.73 -23.65 -10.91
C LYS A 243 -14.14 -22.36 -10.32
N ILE A 244 -14.70 -21.22 -10.71
CA ILE A 244 -14.21 -19.91 -10.28
C ILE A 244 -15.43 -19.03 -10.01
N TRP A 245 -15.19 -17.90 -9.35
CA TRP A 245 -16.29 -17.05 -8.89
C TRP A 245 -15.82 -15.61 -8.78
N TYR A 246 -16.78 -14.74 -8.49
CA TYR A 246 -16.51 -13.35 -8.12
C TYR A 246 -17.09 -13.09 -6.74
N GLU A 247 -16.47 -12.16 -6.01
CA GLU A 247 -16.95 -11.81 -4.68
C GLU A 247 -16.48 -10.41 -4.33
N HIS A 248 -17.40 -9.62 -3.78
CA HIS A 248 -17.07 -8.32 -3.24
C HIS A 248 -16.66 -8.46 -1.79
N ARG A 249 -15.67 -7.68 -1.38
CA ARG A 249 -15.20 -7.69 0.00
C ARG A 249 -14.78 -6.28 0.38
N LEU A 250 -14.41 -6.11 1.65
CA LEU A 250 -13.92 -4.84 2.14
C LEU A 250 -12.40 -4.86 2.26
N ILE A 251 -11.82 -3.67 2.38
CA ILE A 251 -10.37 -3.52 2.20
C ILE A 251 -9.60 -4.38 3.20
N ASP A 252 -9.87 -4.22 4.49
CA ASP A 252 -9.06 -4.88 5.51
C ASP A 252 -9.21 -6.39 5.46
N ASP A 253 -10.44 -6.89 5.36
CA ASP A 253 -10.64 -8.33 5.28
C ASP A 253 -10.09 -8.89 3.97
N MET A 254 -10.11 -8.09 2.91
CA MET A 254 -9.50 -8.52 1.65
C MET A 254 -7.99 -8.66 1.80
N VAL A 255 -7.36 -7.72 2.50
CA VAL A 255 -5.93 -7.86 2.77
C VAL A 255 -5.68 -9.06 3.67
N ALA A 256 -6.62 -9.36 4.57
CA ALA A 256 -6.48 -10.54 5.42
C ALA A 256 -6.46 -11.81 4.58
N GLN A 257 -7.44 -11.98 3.70
CA GLN A 257 -7.50 -13.17 2.86
C GLN A 257 -6.34 -13.21 1.86
N ALA A 258 -5.90 -12.05 1.39
CA ALA A 258 -4.83 -12.00 0.39
C ALA A 258 -3.48 -12.35 1.00
N MET A 259 -3.09 -11.64 2.07
CA MET A 259 -1.81 -11.82 2.76
C MET A 259 -1.70 -13.13 3.51
N LYS A 260 -2.66 -14.05 3.39
CA LYS A 260 -2.58 -15.33 4.08
C LYS A 260 -3.09 -16.48 3.20
N SER A 261 -2.89 -16.37 1.90
CA SER A 261 -3.33 -17.37 0.94
C SER A 261 -2.15 -17.77 0.06
N GLU A 262 -2.32 -18.89 -0.65
CA GLU A 262 -1.29 -19.35 -1.57
C GLU A 262 -1.10 -18.41 -2.76
N GLY A 263 -2.03 -17.50 -2.99
CA GLY A 263 -2.00 -16.63 -4.15
C GLY A 263 -2.88 -17.16 -5.28
N GLY A 264 -2.92 -16.39 -6.35
CA GLY A 264 -3.69 -16.77 -7.52
C GLY A 264 -5.11 -16.25 -7.51
N PHE A 265 -5.26 -14.93 -7.58
CA PHE A 265 -6.56 -14.30 -7.71
C PHE A 265 -6.36 -12.90 -8.27
N ILE A 266 -7.39 -12.39 -8.93
CA ILE A 266 -7.36 -11.07 -9.54
C ILE A 266 -8.08 -10.09 -8.62
N TRP A 267 -7.32 -9.10 -8.13
CA TRP A 267 -7.83 -8.11 -7.19
C TRP A 267 -8.05 -6.79 -7.91
N ALA A 268 -9.31 -6.35 -7.97
CA ALA A 268 -9.66 -5.07 -8.56
C ALA A 268 -9.70 -4.02 -7.44
N CYS A 269 -8.89 -2.99 -7.56
CA CYS A 269 -8.72 -1.98 -6.53
C CYS A 269 -9.37 -0.67 -6.95
N LYS A 270 -9.96 0.03 -5.99
CA LYS A 270 -10.57 1.32 -6.24
C LYS A 270 -9.60 2.45 -5.91
N SER A 287 10.35 -6.33 -7.41
CA SER A 287 11.34 -5.95 -8.41
C SER A 287 10.67 -5.50 -9.71
N LEU A 288 11.12 -4.37 -10.25
CA LEU A 288 10.52 -3.84 -11.47
C LEU A 288 10.91 -4.66 -12.71
N GLY A 289 12.05 -5.34 -12.67
CA GLY A 289 12.44 -6.18 -13.80
C GLY A 289 11.57 -7.40 -14.00
N MET A 290 10.63 -7.65 -13.08
CA MET A 290 9.72 -8.78 -13.18
C MET A 290 8.25 -8.36 -13.27
N MET A 291 7.97 -7.06 -13.30
CA MET A 291 6.60 -6.56 -13.28
C MET A 291 6.08 -6.37 -14.70
N THR A 292 4.89 -6.89 -14.97
CA THR A 292 4.28 -6.83 -16.29
C THR A 292 2.96 -6.07 -16.23
N SER A 293 2.80 -5.09 -17.10
CA SER A 293 1.60 -4.26 -17.16
C SER A 293 0.83 -4.54 -18.45
N VAL A 294 -0.49 -4.66 -18.35
CA VAL A 294 -1.33 -5.02 -19.48
C VAL A 294 -2.61 -4.21 -19.44
N LEU A 295 -2.86 -3.42 -20.48
CA LEU A 295 -4.12 -2.70 -20.65
C LEU A 295 -5.11 -3.61 -21.35
N VAL A 296 -6.24 -3.86 -20.69
CA VAL A 296 -7.30 -4.72 -21.21
C VAL A 296 -8.51 -3.87 -21.52
N CYS A 297 -8.91 -3.83 -22.78
CA CYS A 297 -10.08 -3.07 -23.17
C CYS A 297 -11.36 -3.80 -22.74
N PRO A 298 -12.47 -3.06 -22.56
CA PRO A 298 -13.70 -3.71 -22.10
C PRO A 298 -14.26 -4.72 -23.07
N ASP A 299 -14.07 -4.50 -24.38
CA ASP A 299 -14.60 -5.41 -25.39
C ASP A 299 -13.98 -6.80 -25.31
N GLY A 300 -12.86 -6.96 -24.61
CA GLY A 300 -12.22 -8.25 -24.46
C GLY A 300 -11.33 -8.65 -25.61
N LYS A 301 -11.44 -8.00 -26.76
CA LYS A 301 -10.62 -8.34 -27.92
C LYS A 301 -9.30 -7.59 -27.93
N THR A 302 -9.28 -6.33 -27.48
CA THR A 302 -8.12 -5.46 -27.62
C THR A 302 -7.29 -5.51 -26.34
N VAL A 303 -5.98 -5.69 -26.50
CA VAL A 303 -5.04 -5.81 -25.39
C VAL A 303 -3.71 -5.18 -25.79
N GLU A 304 -3.14 -4.39 -24.88
CA GLU A 304 -1.82 -3.82 -25.09
C GLU A 304 -0.92 -4.18 -23.92
N ALA A 305 0.24 -4.77 -24.21
CA ALA A 305 1.15 -5.24 -23.18
C ALA A 305 2.43 -4.42 -23.19
N GLU A 306 2.98 -4.22 -21.99
CA GLU A 306 4.24 -3.49 -21.84
C GLU A 306 4.82 -3.75 -20.45
N ALA A 307 6.14 -3.66 -20.36
CA ALA A 307 6.82 -3.78 -19.08
C ALA A 307 6.42 -2.62 -18.17
N ALA A 308 6.29 -2.92 -16.87
CA ALA A 308 5.87 -1.92 -15.90
C ALA A 308 6.98 -0.94 -15.53
N HIS A 309 8.22 -1.18 -15.95
CA HIS A 309 9.33 -0.30 -15.63
C HIS A 309 9.55 0.73 -16.74
N GLY A 310 10.53 1.60 -16.54
CA GLY A 310 10.84 2.65 -17.48
C GLY A 310 11.97 2.30 -18.42
N THR A 311 12.61 3.33 -18.97
CA THR A 311 13.65 3.15 -19.97
C THR A 311 15.01 2.81 -19.37
N VAL A 312 15.12 2.77 -18.04
CA VAL A 312 16.34 2.41 -17.31
C VAL A 312 17.49 3.33 -17.73
N THR A 313 17.36 4.61 -17.39
CA THR A 313 18.32 5.60 -17.89
C THR A 313 19.72 5.37 -17.32
N ARG A 314 19.82 4.96 -16.07
CA ARG A 314 21.14 4.75 -15.47
C ARG A 314 21.91 3.67 -16.22
N HIS A 315 21.24 2.55 -16.50
CA HIS A 315 21.89 1.49 -17.26
C HIS A 315 22.17 1.92 -18.69
N TYR A 316 21.30 2.76 -19.28
CA TYR A 316 21.58 3.22 -20.63
C TYR A 316 22.78 4.16 -20.69
N ARG A 317 22.99 4.98 -19.65
CA ARG A 317 24.18 5.83 -19.60
C ARG A 317 25.43 5.00 -19.36
N MET A 318 25.35 4.01 -18.46
CA MET A 318 26.45 3.08 -18.30
C MET A 318 26.76 2.38 -19.62
N TYR A 319 25.73 2.09 -20.41
CA TYR A 319 25.91 1.47 -21.72
C TYR A 319 26.53 2.43 -22.72
N GLN A 320 26.21 3.73 -22.65
CA GLN A 320 26.82 4.70 -23.54
C GLN A 320 28.29 4.91 -23.22
N LYS A 321 28.64 4.94 -21.94
CA LYS A 321 30.04 5.14 -21.56
C LYS A 321 30.90 3.91 -21.82
N GLY A 322 30.34 2.84 -22.37
CA GLY A 322 31.08 1.62 -22.60
C GLY A 322 31.21 0.71 -21.40
N GLN A 323 30.47 0.98 -20.31
CA GLN A 323 30.56 0.17 -19.11
C GLN A 323 29.73 -1.10 -19.26
N GLU A 324 29.78 -1.95 -18.25
CA GLU A 324 29.04 -3.20 -18.25
C GLU A 324 27.70 -3.01 -17.54
N THR A 325 26.63 -3.36 -18.22
CA THR A 325 25.29 -3.26 -17.69
C THR A 325 24.77 -4.64 -17.33
N SER A 326 23.65 -4.65 -16.58
CA SER A 326 22.99 -5.90 -16.20
C SER A 326 21.52 -5.56 -15.94
N THR A 327 20.77 -5.46 -17.02
CA THR A 327 19.36 -5.10 -16.97
C THR A 327 18.49 -6.32 -17.28
N ASN A 328 17.58 -6.61 -16.37
CA ASN A 328 16.64 -7.72 -16.50
C ASN A 328 15.68 -7.52 -17.67
N PRO A 329 15.64 -8.43 -18.64
CA PRO A 329 14.68 -8.32 -19.75
C PRO A 329 13.37 -9.05 -19.54
N ILE A 330 13.14 -9.64 -18.36
CA ILE A 330 12.00 -10.53 -18.17
C ILE A 330 10.69 -9.77 -18.38
N ALA A 331 10.63 -8.51 -17.96
CA ALA A 331 9.39 -7.76 -18.06
C ALA A 331 8.99 -7.53 -19.51
N SER A 332 9.94 -7.13 -20.35
CA SER A 332 9.65 -6.90 -21.75
C SER A 332 9.39 -8.21 -22.50
N ILE A 333 10.18 -9.24 -22.20
CA ILE A 333 9.94 -10.56 -22.78
C ILE A 333 8.50 -10.98 -22.50
N PHE A 334 8.07 -10.81 -21.25
CA PHE A 334 6.71 -11.20 -20.87
C PHE A 334 5.67 -10.28 -21.49
N ALA A 335 6.00 -9.01 -21.77
CA ALA A 335 5.11 -8.21 -22.59
C ALA A 335 4.86 -8.87 -23.93
N TRP A 336 5.95 -9.30 -24.60
CA TRP A 336 5.80 -10.00 -25.87
C TRP A 336 4.96 -11.27 -25.71
N THR A 337 5.19 -12.02 -24.63
CA THR A 337 4.50 -13.31 -24.50
C THR A 337 3.02 -13.13 -24.19
N ARG A 338 2.67 -12.10 -23.42
CA ARG A 338 1.25 -11.83 -23.16
C ARG A 338 0.55 -11.38 -24.42
N GLY A 339 1.17 -10.46 -25.17
CA GLY A 339 0.58 -10.03 -26.43
C GLY A 339 0.43 -11.16 -27.42
N LEU A 340 1.47 -11.98 -27.57
CA LEU A 340 1.41 -13.10 -28.50
C LEU A 340 0.41 -14.16 -28.06
N ALA A 341 0.32 -14.39 -26.75
CA ALA A 341 -0.65 -15.35 -26.25
C ALA A 341 -2.07 -14.87 -26.50
N HIS A 342 -2.30 -13.56 -26.40
CA HIS A 342 -3.62 -13.02 -26.70
C HIS A 342 -3.92 -13.10 -28.20
N ARG A 343 -2.92 -12.81 -29.04
CA ARG A 343 -3.11 -12.97 -30.48
C ARG A 343 -3.46 -14.41 -30.83
N ALA A 344 -2.74 -15.37 -30.25
CA ALA A 344 -3.03 -16.77 -30.50
C ALA A 344 -4.42 -17.14 -30.01
N LYS A 345 -4.82 -16.62 -28.84
CA LYS A 345 -6.16 -16.89 -28.33
C LYS A 345 -7.22 -16.34 -29.27
N LEU A 346 -6.96 -15.18 -29.90
CA LEU A 346 -7.93 -14.60 -30.82
C LEU A 346 -8.02 -15.40 -32.11
N ASP A 347 -6.88 -15.71 -32.72
CA ASP A 347 -6.85 -16.39 -34.01
C ASP A 347 -6.95 -17.91 -33.89
N ASN A 348 -7.16 -18.43 -32.68
CA ASN A 348 -7.17 -19.88 -32.42
C ASN A 348 -5.86 -20.53 -32.86
N ASN A 349 -4.74 -19.87 -32.56
CA ASN A 349 -3.41 -20.29 -33.01
C ASN A 349 -2.73 -21.05 -31.88
N LYS A 350 -3.04 -22.35 -31.80
CA LYS A 350 -2.50 -23.18 -30.73
C LYS A 350 -0.97 -23.26 -30.80
N GLU A 351 -0.41 -23.25 -32.00
CA GLU A 351 1.03 -23.30 -32.15
C GLU A 351 1.68 -22.07 -31.52
N LEU A 352 1.16 -20.88 -31.85
CA LEU A 352 1.72 -19.65 -31.30
C LEU A 352 1.49 -19.55 -29.80
N ALA A 353 0.32 -19.98 -29.33
CA ALA A 353 0.05 -20.00 -27.90
C ALA A 353 1.07 -20.88 -27.18
N PHE A 354 1.32 -22.08 -27.71
CA PHE A 354 2.34 -22.93 -27.12
C PHE A 354 3.70 -22.27 -27.14
N PHE A 355 4.01 -21.51 -28.19
CA PHE A 355 5.29 -20.81 -28.23
C PHE A 355 5.38 -19.80 -27.10
N ALA A 356 4.33 -19.00 -26.91
CA ALA A 356 4.34 -18.00 -25.84
C ALA A 356 4.51 -18.66 -24.48
N ASN A 357 3.75 -19.73 -24.22
CA ASN A 357 3.91 -20.44 -22.96
C ASN A 357 5.34 -20.97 -22.82
N ALA A 358 5.91 -21.48 -23.90
CA ALA A 358 7.26 -22.02 -23.85
C ALA A 358 8.27 -20.93 -23.50
N LEU A 359 8.08 -19.73 -24.04
CA LEU A 359 9.02 -18.64 -23.75
C LEU A 359 8.90 -18.18 -22.31
N GLU A 360 7.67 -18.06 -21.79
CA GLU A 360 7.48 -17.73 -20.39
C GLU A 360 8.20 -18.74 -19.50
N GLU A 361 7.96 -20.03 -19.75
CA GLU A 361 8.57 -21.07 -18.93
C GLU A 361 10.10 -21.07 -19.07
N VAL A 362 10.62 -20.79 -20.26
CA VAL A 362 12.07 -20.71 -20.43
C VAL A 362 12.64 -19.57 -19.61
N SER A 363 11.90 -18.46 -19.52
CA SER A 363 12.35 -17.35 -18.69
C SER A 363 12.40 -17.74 -17.21
N ILE A 364 11.25 -18.14 -16.65
CA ILE A 364 11.19 -18.43 -15.23
C ILE A 364 12.15 -19.56 -14.87
N GLU A 365 12.25 -20.58 -15.74
CA GLU A 365 13.15 -21.69 -15.50
C GLU A 365 14.61 -21.26 -15.58
N THR A 366 14.93 -20.35 -16.50
CA THR A 366 16.30 -19.88 -16.61
C THR A 366 16.71 -19.12 -15.36
N ILE A 367 15.79 -18.33 -14.79
CA ILE A 367 16.12 -17.64 -13.55
C ILE A 367 16.22 -18.61 -12.38
N GLU A 368 15.27 -19.54 -12.27
CA GLU A 368 15.30 -20.51 -11.19
C GLU A 368 16.50 -21.45 -11.29
N ALA A 369 17.11 -21.56 -12.47
CA ALA A 369 18.29 -22.39 -12.63
C ALA A 369 19.53 -21.75 -12.02
N GLY A 370 19.50 -20.46 -11.74
CA GLY A 370 20.62 -19.74 -11.15
C GLY A 370 21.15 -18.60 -11.98
N PHE A 371 20.84 -18.58 -13.28
CA PHE A 371 21.29 -17.52 -14.18
C PHE A 371 20.31 -16.36 -14.11
N MET A 372 20.82 -15.18 -13.76
CA MET A 372 19.96 -14.02 -13.53
C MET A 372 20.81 -12.76 -13.66
N THR A 373 20.15 -11.62 -13.53
CA THR A 373 20.80 -10.32 -13.61
C THR A 373 21.11 -9.79 -12.21
N LYS A 374 21.71 -8.60 -12.17
CA LYS A 374 22.21 -8.05 -10.92
C LYS A 374 21.09 -7.73 -9.94
N ASP A 375 19.93 -7.29 -10.44
CA ASP A 375 18.84 -6.94 -9.53
C ASP A 375 18.31 -8.18 -8.80
N LEU A 376 18.17 -9.29 -9.51
CA LEU A 376 17.72 -10.53 -8.87
C LEU A 376 18.80 -11.09 -7.96
N ALA A 377 20.07 -11.05 -8.41
CA ALA A 377 21.17 -11.44 -7.53
C ALA A 377 21.16 -10.63 -6.25
N ALA A 378 20.74 -9.36 -6.33
CA ALA A 378 20.65 -8.54 -5.12
C ALA A 378 19.45 -8.94 -4.28
N CYS A 379 18.33 -9.28 -4.92
CA CYS A 379 17.17 -9.74 -4.16
C CYS A 379 17.47 -11.03 -3.40
N ILE A 380 18.37 -11.87 -3.92
CA ILE A 380 18.70 -13.13 -3.27
C ILE A 380 19.79 -12.94 -2.22
N LYS A 381 20.95 -12.42 -2.65
CA LYS A 381 22.14 -12.39 -1.83
C LYS A 381 22.32 -11.09 -1.06
N GLY A 382 21.40 -10.15 -1.20
CA GLY A 382 21.56 -8.84 -0.59
C GLY A 382 22.51 -7.96 -1.38
N LEU A 383 22.16 -6.68 -1.50
CA LEU A 383 22.89 -5.71 -2.33
C LEU A 383 24.38 -5.65 -1.98
N PRO A 384 24.77 -5.30 -0.74
CA PRO A 384 26.20 -5.09 -0.47
C PRO A 384 27.05 -6.35 -0.63
N ASN A 385 26.44 -7.50 -0.89
CA ASN A 385 27.14 -8.77 -1.03
C ASN A 385 27.04 -9.33 -2.45
N VAL A 386 26.62 -8.51 -3.42
CA VAL A 386 26.45 -9.01 -4.79
C VAL A 386 27.83 -9.13 -5.44
N GLN A 387 28.29 -10.35 -5.61
CA GLN A 387 29.51 -10.64 -6.34
C GLN A 387 29.20 -10.83 -7.83
N ARG A 388 30.16 -10.48 -8.69
CA ARG A 388 29.95 -10.60 -10.13
C ARG A 388 29.60 -12.03 -10.52
N SER A 389 30.29 -13.01 -9.92
CA SER A 389 30.08 -14.41 -10.25
C SER A 389 28.68 -14.89 -9.88
N ASP A 390 27.85 -13.98 -9.38
CA ASP A 390 26.47 -14.31 -9.08
C ASP A 390 25.49 -13.91 -10.18
N TYR A 391 25.91 -13.10 -11.14
CA TYR A 391 25.00 -12.65 -12.18
C TYR A 391 25.72 -12.60 -13.51
N LEU A 392 24.94 -12.44 -14.57
CA LEU A 392 25.42 -12.21 -15.93
C LEU A 392 25.06 -10.80 -16.36
N ASN A 393 25.79 -10.29 -17.35
CA ASN A 393 25.41 -9.01 -17.92
C ASN A 393 24.26 -9.22 -18.92
N THR A 394 23.76 -8.12 -19.48
CA THR A 394 22.54 -8.17 -20.26
C THR A 394 22.68 -9.13 -21.45
N PHE A 395 23.77 -9.01 -22.21
CA PHE A 395 23.95 -9.83 -23.39
C PHE A 395 24.15 -11.29 -23.04
N GLU A 396 24.86 -11.57 -21.95
CA GLU A 396 25.04 -12.96 -21.53
C GLU A 396 23.71 -13.59 -21.14
N PHE A 397 22.89 -12.86 -20.39
CA PHE A 397 21.60 -13.42 -19.98
C PHE A 397 20.69 -13.62 -21.18
N MET A 398 20.68 -12.66 -22.12
CA MET A 398 19.89 -12.83 -23.34
C MET A 398 20.35 -14.06 -24.12
N ASP A 399 21.67 -14.25 -24.23
CA ASP A 399 22.20 -15.44 -24.89
C ASP A 399 21.72 -16.71 -24.21
N LYS A 400 21.73 -16.71 -22.87
CA LYS A 400 21.28 -17.89 -22.14
C LYS A 400 19.81 -18.18 -22.43
N LEU A 401 18.97 -17.14 -22.45
CA LEU A 401 17.57 -17.35 -22.79
C LEU A 401 17.40 -17.88 -24.21
N GLY A 402 18.26 -17.44 -25.13
CA GLY A 402 18.19 -17.99 -26.49
C GLY A 402 18.52 -19.47 -26.51
N GLU A 403 19.61 -19.85 -25.84
CA GLU A 403 19.98 -21.27 -25.75
C GLU A 403 18.85 -22.10 -25.17
N ASN A 404 18.35 -21.73 -23.98
CA ASN A 404 17.33 -22.54 -23.32
C ASN A 404 16.02 -22.55 -24.11
N LEU A 405 15.73 -21.48 -24.84
CA LEU A 405 14.55 -21.47 -25.69
C LEU A 405 14.71 -22.44 -26.85
N LYS A 406 15.89 -22.45 -27.47
CA LYS A 406 16.14 -23.42 -28.54
C LYS A 406 16.05 -24.85 -28.03
N ILE A 407 16.61 -25.11 -26.84
CA ILE A 407 16.57 -26.46 -26.29
C ILE A 407 15.13 -26.89 -26.01
N LYS A 408 14.37 -26.05 -25.30
CA LYS A 408 12.99 -26.42 -24.95
C LYS A 408 12.15 -26.62 -26.20
N LEU A 409 12.25 -25.71 -27.16
CA LEU A 409 11.49 -25.85 -28.41
C LEU A 409 11.97 -27.03 -29.24
N ALA A 410 13.20 -27.50 -28.99
CA ALA A 410 13.69 -28.71 -29.63
C ALA A 410 13.09 -29.94 -28.97
N GLN A 411 12.83 -29.87 -27.66
CA GLN A 411 12.28 -31.00 -26.94
C GLN A 411 10.79 -31.16 -27.23
N ALA A 412 10.08 -30.05 -27.43
CA ALA A 412 8.66 -30.11 -27.68
C ALA A 412 8.35 -30.75 -29.04
N LYS B 4 9.42 -0.83 46.15
CA LYS B 4 8.89 -0.80 44.79
C LYS B 4 8.79 0.63 44.25
N ILE B 5 8.76 0.75 42.92
CA ILE B 5 8.71 2.06 42.28
C ILE B 5 7.31 2.64 42.42
N SER B 6 7.25 3.93 42.74
CA SER B 6 5.98 4.65 42.79
C SER B 6 5.63 5.07 41.37
N GLY B 7 4.64 4.41 40.77
CA GLY B 7 4.32 4.66 39.37
C GLY B 7 3.56 5.95 39.11
N GLY B 8 2.29 5.96 39.46
CA GLY B 8 1.46 7.12 39.27
C GLY B 8 0.08 6.72 38.80
N SER B 9 -0.59 7.66 38.15
CA SER B 9 -1.94 7.44 37.63
C SER B 9 -1.85 6.93 36.20
N VAL B 10 -2.31 5.71 35.97
CA VAL B 10 -2.27 5.08 34.65
C VAL B 10 -3.63 4.45 34.39
N VAL B 11 -4.17 4.70 33.20
CA VAL B 11 -5.45 4.11 32.80
C VAL B 11 -5.16 2.82 32.04
N GLU B 12 -5.67 1.71 32.57
CA GLU B 12 -5.52 0.40 31.95
C GLU B 12 -6.83 -0.03 31.32
N MET B 13 -6.74 -0.67 30.16
CA MET B 13 -7.91 -1.22 29.49
C MET B 13 -7.63 -2.68 29.16
N GLN B 14 -8.48 -3.57 29.66
CA GLN B 14 -8.30 -5.00 29.45
C GLN B 14 -9.06 -5.44 28.20
N GLY B 15 -8.51 -6.44 27.53
CA GLY B 15 -9.04 -6.85 26.25
C GLY B 15 -9.73 -8.20 26.27
N ASP B 16 -9.62 -8.92 25.16
CA ASP B 16 -10.27 -10.21 24.99
C ASP B 16 -9.26 -11.28 24.61
N GLU B 17 -9.65 -12.52 24.86
CA GLU B 17 -9.04 -13.72 24.27
C GLU B 17 -7.55 -13.78 24.61
N MET B 18 -6.71 -14.14 23.63
CA MET B 18 -5.31 -14.43 23.90
C MET B 18 -4.57 -13.19 24.38
N THR B 19 -4.91 -12.03 23.83
CA THR B 19 -4.28 -10.80 24.31
C THR B 19 -4.71 -10.48 25.73
N ARG B 20 -5.91 -10.90 26.14
CA ARG B 20 -6.28 -10.78 27.55
C ARG B 20 -5.36 -11.63 28.42
N ILE B 21 -5.13 -12.88 28.01
CA ILE B 21 -4.26 -13.76 28.78
C ILE B 21 -2.85 -13.18 28.88
N ILE B 22 -2.26 -12.82 27.74
CA ILE B 22 -0.93 -12.24 27.72
C ILE B 22 -0.88 -10.95 28.54
N TRP B 23 -1.98 -10.19 28.54
CA TRP B 23 -2.05 -8.96 29.33
C TRP B 23 -1.85 -9.26 30.82
N GLU B 24 -2.69 -10.16 31.35
CA GLU B 24 -2.57 -10.52 32.76
C GLU B 24 -1.20 -11.10 33.07
N LEU B 25 -0.62 -11.87 32.13
CA LEU B 25 0.72 -12.39 32.36
C LEU B 25 1.75 -11.27 32.42
N ILE B 26 1.63 -10.27 31.54
CA ILE B 26 2.59 -9.18 31.50
C ILE B 26 2.56 -8.42 32.82
N LYS B 27 1.36 -8.11 33.31
CA LYS B 27 1.25 -7.45 34.60
C LYS B 27 1.86 -8.30 35.70
N GLU B 28 1.36 -9.54 35.84
CA GLU B 28 1.72 -10.41 36.95
C GLU B 28 3.23 -10.63 37.04
N LYS B 29 3.87 -10.92 35.91
CA LYS B 29 5.27 -11.33 35.92
C LYS B 29 6.23 -10.23 35.51
N LEU B 30 5.74 -9.05 35.12
CA LEU B 30 6.65 -8.02 34.63
C LEU B 30 6.42 -6.63 35.22
N ILE B 31 5.17 -6.28 35.55
CA ILE B 31 4.84 -4.90 35.92
C ILE B 31 4.61 -4.75 37.42
N PHE B 32 3.64 -5.46 37.97
CA PHE B 32 3.31 -5.31 39.39
C PHE B 32 4.43 -5.66 40.35
N PRO B 33 5.24 -6.70 40.13
CA PRO B 33 6.31 -7.01 41.10
C PRO B 33 7.34 -5.89 41.28
N TYR B 34 7.33 -4.86 40.43
CA TYR B 34 8.33 -3.80 40.50
C TYR B 34 7.77 -2.39 40.56
N VAL B 35 6.48 -2.20 40.24
CA VAL B 35 5.89 -0.87 40.13
C VAL B 35 4.54 -0.89 40.84
N GLU B 36 4.29 0.11 41.68
CA GLU B 36 2.99 0.35 42.28
C GLU B 36 2.32 1.50 41.53
N LEU B 37 1.06 1.29 41.15
CA LEU B 37 0.35 2.22 40.29
C LEU B 37 -1.01 2.57 40.87
N ASP B 38 -1.38 3.85 40.77
CA ASP B 38 -2.76 4.28 41.00
C ASP B 38 -3.55 3.89 39.76
N LEU B 39 -3.96 2.63 39.71
CA LEU B 39 -4.43 2.00 38.49
C LEU B 39 -5.92 2.27 38.30
N HIS B 40 -6.28 2.85 37.16
CA HIS B 40 -7.68 3.05 36.77
C HIS B 40 -8.01 1.98 35.72
N SER B 41 -8.31 0.77 36.20
CA SER B 41 -8.58 -0.35 35.31
C SER B 41 -10.00 -0.28 34.78
N TYR B 42 -10.15 -0.62 33.50
CA TYR B 42 -11.45 -0.68 32.84
C TYR B 42 -11.51 -1.96 32.03
N ASP B 43 -12.54 -2.77 32.28
CA ASP B 43 -12.69 -4.06 31.63
C ASP B 43 -13.41 -3.87 30.31
N LEU B 44 -12.66 -3.82 29.21
CA LEU B 44 -13.22 -3.68 27.89
C LEU B 44 -13.43 -5.02 27.17
N GLY B 45 -13.58 -6.10 27.92
CA GLY B 45 -13.97 -7.35 27.30
C GLY B 45 -15.34 -7.24 26.67
N ILE B 46 -15.59 -8.08 25.65
CA ILE B 46 -16.81 -7.95 24.86
C ILE B 46 -18.05 -8.19 25.71
N GLU B 47 -17.96 -9.07 26.72
CA GLU B 47 -19.14 -9.37 27.54
C GLU B 47 -19.47 -8.22 28.47
N ASN B 48 -18.45 -7.54 29.01
CA ASN B 48 -18.70 -6.41 29.89
C ASN B 48 -19.10 -5.18 29.09
N ARG B 49 -18.52 -5.00 27.90
CA ARG B 49 -18.97 -3.94 27.01
C ARG B 49 -20.42 -4.15 26.62
N ASP B 50 -20.84 -5.41 26.45
CA ASP B 50 -22.25 -5.68 26.19
C ASP B 50 -23.10 -5.38 27.41
N ALA B 51 -22.66 -5.84 28.59
CA ALA B 51 -23.45 -5.68 29.80
C ALA B 51 -23.66 -4.22 30.15
N THR B 52 -22.64 -3.40 29.97
CA THR B 52 -22.72 -1.98 30.29
C THR B 52 -23.13 -1.12 29.10
N ASN B 53 -23.33 -1.70 27.92
CA ASN B 53 -23.71 -0.97 26.71
C ASN B 53 -22.64 0.04 26.32
N ASP B 54 -21.41 -0.45 26.14
CA ASP B 54 -20.22 0.31 25.76
C ASP B 54 -19.92 1.47 26.70
N GLN B 55 -20.61 1.53 27.85
CA GLN B 55 -20.38 2.59 28.80
C GLN B 55 -18.99 2.47 29.41
N VAL B 56 -18.48 1.24 29.56
CA VAL B 56 -17.11 1.07 30.02
C VAL B 56 -16.13 1.65 29.02
N THR B 57 -16.48 1.61 27.72
CA THR B 57 -15.62 2.20 26.70
C THR B 57 -15.61 3.71 26.80
N LYS B 58 -16.79 4.34 26.87
CA LYS B 58 -16.82 5.78 27.02
C LYS B 58 -16.11 6.22 28.29
N ASP B 59 -16.39 5.54 29.40
CA ASP B 59 -15.74 5.87 30.67
C ASP B 59 -14.23 5.76 30.57
N ALA B 60 -13.74 4.68 29.96
CA ALA B 60 -12.30 4.52 29.82
C ALA B 60 -11.70 5.66 29.01
N ALA B 61 -12.35 6.03 27.90
CA ALA B 61 -11.82 7.12 27.08
C ALA B 61 -11.73 8.41 27.90
N GLU B 62 -12.79 8.76 28.62
CA GLU B 62 -12.75 9.97 29.43
C GLU B 62 -11.69 9.88 30.53
N ALA B 63 -11.50 8.70 31.10
CA ALA B 63 -10.48 8.53 32.13
C ALA B 63 -9.09 8.76 31.55
N ILE B 64 -8.87 8.34 30.30
CA ILE B 64 -7.61 8.67 29.63
C ILE B 64 -7.51 10.18 29.44
N LYS B 65 -8.62 10.83 29.10
CA LYS B 65 -8.60 12.28 28.95
C LYS B 65 -8.25 12.97 30.27
N LYS B 66 -8.56 12.34 31.40
CA LYS B 66 -8.23 12.94 32.69
C LYS B 66 -6.80 12.65 33.15
N HIS B 67 -6.33 11.41 32.98
CA HIS B 67 -5.06 10.99 33.55
C HIS B 67 -3.94 10.86 32.52
N ASN B 68 -4.16 11.31 31.29
CA ASN B 68 -3.10 11.55 30.30
C ASN B 68 -2.48 10.28 29.70
N VAL B 69 -2.34 9.22 30.50
CA VAL B 69 -1.60 8.02 30.07
C VAL B 69 -2.56 6.84 30.04
N GLY B 70 -2.66 6.19 28.88
CA GLY B 70 -3.49 5.01 28.75
C GLY B 70 -2.74 3.87 28.08
N VAL B 71 -3.02 2.65 28.52
CA VAL B 71 -2.46 1.44 27.93
C VAL B 71 -3.61 0.47 27.69
N LYS B 72 -3.78 0.05 26.43
CA LYS B 72 -4.94 -0.73 26.03
C LYS B 72 -4.54 -2.11 25.53
N CYS B 73 -5.35 -3.10 25.86
CA CYS B 73 -5.26 -4.46 25.36
C CYS B 73 -6.21 -4.65 24.18
N ALA B 74 -5.89 -5.60 23.31
CA ALA B 74 -6.68 -5.86 22.12
C ALA B 74 -8.06 -6.38 22.47
N THR B 75 -9.10 -5.73 21.95
CA THR B 75 -10.50 -6.03 22.27
C THR B 75 -11.23 -6.46 21.00
N ILE B 76 -12.16 -7.41 21.14
CA ILE B 76 -12.90 -7.90 19.97
C ILE B 76 -13.74 -6.77 19.38
N THR B 77 -13.64 -6.60 18.06
CA THR B 77 -14.53 -5.71 17.32
C THR B 77 -15.66 -6.54 16.72
N PRO B 78 -16.92 -6.26 17.09
CA PRO B 78 -18.00 -7.21 16.76
C PRO B 78 -18.43 -7.10 15.30
N ASP B 79 -18.60 -8.26 14.67
CA ASP B 79 -19.29 -8.37 13.38
C ASP B 79 -20.48 -9.30 13.54
N GLU B 80 -20.94 -9.91 12.44
CA GLU B 80 -22.13 -10.77 12.51
C GLU B 80 -21.84 -12.05 13.28
N LYS B 81 -20.73 -12.71 12.96
CA LYS B 81 -20.38 -13.95 13.66
C LYS B 81 -20.07 -13.70 15.13
N ARG B 82 -19.60 -12.49 15.46
CA ARG B 82 -19.37 -12.14 16.87
C ARG B 82 -20.69 -11.92 17.60
N VAL B 83 -21.60 -11.16 16.99
CA VAL B 83 -22.91 -10.95 17.59
C VAL B 83 -23.60 -12.29 17.84
N GLU B 84 -23.54 -13.19 16.85
CA GLU B 84 -24.15 -14.51 17.05
C GLU B 84 -23.41 -15.31 18.12
N GLU B 85 -22.07 -15.19 18.17
CA GLU B 85 -21.30 -16.00 19.10
C GLU B 85 -21.58 -15.60 20.55
N PHE B 86 -21.55 -14.29 20.84
CA PHE B 86 -21.67 -13.80 22.21
C PHE B 86 -23.08 -13.37 22.57
N LYS B 87 -24.05 -13.53 21.66
CA LYS B 87 -25.42 -13.05 21.87
C LYS B 87 -25.45 -11.55 22.19
N LEU B 88 -24.70 -10.78 21.39
CA LEU B 88 -24.57 -9.35 21.64
C LEU B 88 -25.91 -8.64 21.47
N LYS B 89 -26.18 -7.68 22.36
CA LYS B 89 -27.40 -6.89 22.23
C LYS B 89 -27.39 -6.05 20.95
N GLN B 90 -26.20 -5.64 20.51
CA GLN B 90 -26.02 -4.80 19.34
C GLN B 90 -24.63 -5.07 18.77
N MET B 91 -24.40 -4.56 17.56
CA MET B 91 -23.09 -4.65 16.93
C MET B 91 -22.32 -3.36 17.25
N TRP B 92 -21.64 -3.36 18.39
CA TRP B 92 -21.02 -2.15 18.92
C TRP B 92 -19.89 -1.68 18.01
N LYS B 93 -19.71 -0.35 17.96
CA LYS B 93 -18.58 0.19 17.22
C LYS B 93 -17.27 -0.17 17.92
N SER B 94 -16.19 0.01 17.17
CA SER B 94 -14.88 -0.37 17.70
C SER B 94 -14.53 0.52 18.89
N PRO B 95 -14.08 -0.06 20.00
CA PRO B 95 -13.61 0.76 21.12
C PRO B 95 -12.46 1.68 20.74
N ASN B 96 -11.57 1.24 19.85
CA ASN B 96 -10.54 2.14 19.35
C ASN B 96 -11.16 3.32 18.64
N GLY B 97 -12.23 3.07 17.87
CA GLY B 97 -12.92 4.15 17.21
C GLY B 97 -13.54 5.14 18.19
N THR B 98 -14.18 4.61 19.24
CA THR B 98 -14.77 5.49 20.24
C THR B 98 -13.70 6.34 20.93
N ILE B 99 -12.65 5.68 21.43
CA ILE B 99 -11.60 6.36 22.17
C ILE B 99 -10.91 7.40 21.29
N ARG B 100 -10.71 7.08 20.01
CA ARG B 100 -10.11 8.04 19.10
C ARG B 100 -11.05 9.21 18.82
N ASN B 101 -12.34 8.93 18.71
CA ASN B 101 -13.30 10.00 18.49
C ASN B 101 -13.51 10.86 19.73
N ILE B 102 -13.00 10.44 20.89
CA ILE B 102 -13.12 11.24 22.09
C ILE B 102 -11.82 11.99 22.40
N LEU B 103 -10.67 11.37 22.10
CA LEU B 103 -9.37 11.97 22.43
C LEU B 103 -8.72 12.71 21.28
N GLY B 104 -9.07 12.42 20.03
CA GLY B 104 -8.37 13.02 18.91
C GLY B 104 -6.94 12.53 18.80
N GLY B 105 -6.10 13.33 18.15
CA GLY B 105 -4.70 13.02 17.98
C GLY B 105 -4.41 12.22 16.73
N THR B 106 -3.14 11.85 16.59
CA THR B 106 -2.65 11.11 15.43
C THR B 106 -1.92 9.86 15.88
N VAL B 107 -2.08 8.79 15.11
CA VAL B 107 -1.52 7.48 15.44
C VAL B 107 -0.16 7.31 14.79
N PHE B 108 0.81 6.84 15.57
CA PHE B 108 2.16 6.51 15.11
C PHE B 108 2.40 5.04 15.33
N ARG B 109 2.79 4.33 14.27
CA ARG B 109 3.13 2.92 14.33
C ARG B 109 4.63 2.75 14.15
N GLU B 110 5.25 2.04 15.09
CA GLU B 110 6.67 1.74 15.07
C GLU B 110 6.86 0.25 15.20
N ALA B 111 7.67 -0.33 14.32
CA ALA B 111 8.02 -1.74 14.42
C ALA B 111 9.27 -1.88 15.30
N ILE B 112 9.29 -2.94 16.09
CA ILE B 112 10.40 -3.21 17.00
C ILE B 112 11.40 -4.11 16.29
N ILE B 113 12.63 -3.63 16.17
CA ILE B 113 13.66 -4.27 15.35
C ILE B 113 14.59 -5.05 16.26
N CYS B 114 14.68 -6.35 16.04
CA CYS B 114 15.71 -7.17 16.65
C CYS B 114 16.82 -7.42 15.65
N LYS B 115 18.06 -7.43 16.15
CA LYS B 115 19.23 -7.54 15.29
C LYS B 115 19.46 -8.95 14.74
N ASN B 116 18.66 -9.94 15.14
CA ASN B 116 18.78 -11.29 14.59
C ASN B 116 17.53 -11.72 13.85
N ILE B 117 16.63 -10.80 13.52
CA ILE B 117 15.39 -11.10 12.82
C ILE B 117 15.40 -10.42 11.46
N PRO B 118 14.99 -11.09 10.38
CA PRO B 118 14.99 -10.44 9.07
C PRO B 118 14.06 -9.22 9.05
N ARG B 119 14.57 -8.13 8.51
CA ARG B 119 13.82 -6.89 8.42
C ARG B 119 13.36 -6.65 6.99
N VAL B 125 18.66 -0.63 10.65
CA VAL B 125 18.97 -0.92 12.04
C VAL B 125 18.08 -0.11 12.97
N LYS B 126 17.93 1.20 12.67
CA LYS B 126 17.08 2.06 13.49
C LYS B 126 15.65 2.04 12.94
N PRO B 127 14.65 1.98 13.82
CA PRO B 127 13.27 1.80 13.34
C PRO B 127 12.72 3.03 12.64
N ILE B 128 11.78 2.80 11.74
CA ILE B 128 11.06 3.85 11.03
C ILE B 128 9.70 3.99 11.70
N ILE B 129 9.39 5.21 12.15
CA ILE B 129 8.14 5.47 12.86
C ILE B 129 7.19 6.16 11.91
N ILE B 130 6.15 5.46 11.45
CA ILE B 130 5.24 5.96 10.41
C ILE B 130 3.98 6.49 11.08
N GLY B 131 3.65 7.75 10.76
CA GLY B 131 2.44 8.36 11.28
C GLY B 131 1.49 8.86 10.21
N HIS B 132 0.24 8.42 10.26
CA HIS B 132 -0.79 8.81 9.30
C HIS B 132 -1.72 9.85 9.90
N HIS B 133 -2.27 10.70 9.03
CA HIS B 133 -3.12 11.80 9.44
C HIS B 133 -4.55 11.34 9.71
N ALA B 141 -16.90 13.68 4.53
CA ALA B 141 -16.94 13.72 3.07
C ALA B 141 -18.36 13.50 2.54
N THR B 142 -18.73 14.28 1.53
CA THR B 142 -20.10 14.33 1.01
C THR B 142 -20.18 13.64 -0.34
N ASP B 143 -20.68 12.41 -0.36
CA ASP B 143 -20.83 11.66 -1.60
C ASP B 143 -22.31 11.53 -1.96
N PHE B 144 -22.60 11.44 -3.26
CA PHE B 144 -23.97 11.37 -3.73
C PHE B 144 -24.01 10.78 -5.14
N VAL B 145 -25.23 10.56 -5.63
CA VAL B 145 -25.50 9.58 -6.67
C VAL B 145 -25.39 10.18 -8.08
N VAL B 146 -26.02 11.32 -8.32
CA VAL B 146 -26.15 11.88 -9.68
C VAL B 146 -26.98 10.94 -10.54
N PRO B 147 -28.29 11.21 -10.70
CA PRO B 147 -29.14 10.27 -11.44
C PRO B 147 -28.85 10.23 -12.93
N GLY B 148 -28.71 11.39 -13.56
CA GLY B 148 -28.52 11.46 -14.98
C GLY B 148 -27.56 12.56 -15.40
N PRO B 149 -27.56 12.90 -16.68
CA PRO B 149 -26.65 13.93 -17.17
C PRO B 149 -26.87 15.26 -16.47
N GLY B 150 -25.83 16.07 -16.42
CA GLY B 150 -25.88 17.34 -15.73
C GLY B 150 -24.49 17.86 -15.41
N LYS B 151 -24.47 18.95 -14.67
CA LYS B 151 -23.25 19.64 -14.30
C LYS B 151 -23.01 19.47 -12.82
N VAL B 152 -21.89 18.85 -12.46
CA VAL B 152 -21.46 18.74 -11.08
C VAL B 152 -20.32 19.73 -10.87
N GLU B 153 -20.61 20.81 -10.17
CA GLU B 153 -19.64 21.86 -9.91
C GLU B 153 -19.38 21.93 -8.41
N ILE B 154 -18.24 22.50 -8.04
CA ILE B 154 -17.91 22.74 -6.64
C ILE B 154 -17.56 24.22 -6.51
N THR B 155 -18.31 24.92 -5.66
CA THR B 155 -18.20 26.37 -5.55
C THR B 155 -17.90 26.75 -4.10
N TYR B 156 -16.90 27.62 -3.93
CA TYR B 156 -16.56 28.21 -2.64
C TYR B 156 -16.93 29.69 -2.65
N THR B 157 -17.65 30.12 -1.61
CA THR B 157 -18.05 31.51 -1.46
C THR B 157 -17.59 32.01 -0.11
N PRO B 158 -16.69 33.00 -0.05
CA PRO B 158 -16.20 33.49 1.25
C PRO B 158 -17.31 34.09 2.09
N SER B 159 -17.05 34.17 3.40
CA SER B 159 -18.04 34.72 4.32
C SER B 159 -18.28 36.20 4.07
N ASP B 160 -17.27 36.93 3.61
CA ASP B 160 -17.43 38.34 3.31
C ASP B 160 -18.01 38.60 1.93
N GLY B 161 -18.36 37.54 1.20
CA GLY B 161 -19.01 37.70 -0.10
C GLY B 161 -18.21 38.47 -1.11
N THR B 162 -16.87 38.46 -1.01
CA THR B 162 -16.05 39.23 -1.93
C THR B 162 -16.00 38.59 -3.31
N GLN B 163 -16.07 37.26 -3.38
CA GLN B 163 -15.98 36.57 -4.65
C GLN B 163 -16.77 35.27 -4.57
N LYS B 164 -16.68 34.49 -5.64
CA LYS B 164 -17.40 33.22 -5.74
C LYS B 164 -16.68 32.39 -6.80
N VAL B 165 -16.05 31.30 -6.40
CA VAL B 165 -15.24 30.51 -7.32
C VAL B 165 -15.93 29.18 -7.54
N THR B 166 -16.26 28.86 -8.79
CA THR B 166 -16.93 27.61 -9.15
C THR B 166 -16.05 26.83 -10.13
N TYR B 167 -15.73 25.60 -9.77
CA TYR B 167 -14.99 24.68 -10.64
C TYR B 167 -15.92 23.59 -11.13
N LEU B 168 -15.58 23.02 -12.28
CA LEU B 168 -16.33 21.91 -12.85
C LEU B 168 -15.67 20.60 -12.45
N VAL B 169 -16.35 19.81 -11.63
CA VAL B 169 -15.87 18.46 -11.30
C VAL B 169 -15.96 17.57 -12.53
N HIS B 170 -17.12 17.55 -13.18
CA HIS B 170 -17.32 16.86 -14.45
C HIS B 170 -18.66 17.28 -15.02
N ASN B 171 -18.75 17.29 -16.34
CA ASN B 171 -20.00 17.53 -17.05
C ASN B 171 -20.49 16.17 -17.55
N PHE B 172 -21.58 15.68 -16.97
CA PHE B 172 -22.17 14.42 -17.36
C PHE B 172 -23.03 14.62 -18.61
N GLU B 173 -22.59 14.07 -19.73
CA GLU B 173 -23.41 13.95 -20.93
C GLU B 173 -23.68 12.52 -21.34
N GLU B 174 -22.82 11.57 -20.93
CA GLU B 174 -23.02 10.18 -21.30
C GLU B 174 -24.17 9.56 -20.53
N GLY B 175 -24.33 9.94 -19.27
CA GLY B 175 -25.39 9.37 -18.45
C GLY B 175 -25.19 9.72 -16.99
N GLY B 176 -25.55 8.78 -16.13
CA GLY B 176 -25.42 8.95 -14.70
C GLY B 176 -24.02 8.64 -14.23
N GLY B 177 -23.88 8.53 -12.91
CA GLY B 177 -22.60 8.21 -12.32
C GLY B 177 -22.58 8.32 -10.81
N VAL B 178 -21.56 8.99 -10.27
CA VAL B 178 -21.42 9.18 -8.84
C VAL B 178 -20.44 10.33 -8.64
N ALA B 179 -20.59 11.05 -7.52
CA ALA B 179 -19.71 12.17 -7.26
C ALA B 179 -19.54 12.36 -5.76
N MET B 180 -18.50 13.11 -5.38
CA MET B 180 -18.25 13.38 -3.97
C MET B 180 -17.38 14.63 -3.83
N GLY B 181 -17.43 15.20 -2.62
CA GLY B 181 -16.65 16.36 -2.26
C GLY B 181 -16.01 16.21 -0.89
N MET B 182 -14.77 16.69 -0.74
CA MET B 182 -14.00 16.54 0.47
C MET B 182 -13.40 17.88 0.89
N TYR B 183 -13.12 18.00 2.18
CA TYR B 183 -12.58 19.22 2.75
C TYR B 183 -11.54 18.88 3.80
N ASN B 184 -10.88 19.92 4.30
CA ASN B 184 -9.90 19.80 5.38
C ASN B 184 -9.52 21.16 5.93
N GLN B 185 -9.77 21.41 7.22
CA GLN B 185 -9.46 22.70 7.80
C GLN B 185 -8.00 22.76 8.25
N ASP B 186 -7.53 23.99 8.49
CA ASP B 186 -6.12 24.21 8.82
C ASP B 186 -5.76 23.58 10.16
N LYS B 187 -6.66 23.67 11.15
CA LYS B 187 -6.31 23.24 12.50
C LYS B 187 -5.93 21.76 12.54
N SER B 188 -6.54 20.93 11.68
CA SER B 188 -6.18 19.52 11.64
C SER B 188 -4.75 19.34 11.17
N ILE B 189 -4.36 20.05 10.11
CA ILE B 189 -3.00 19.95 9.60
C ILE B 189 -2.01 20.50 10.63
N GLU B 190 -2.40 21.56 11.34
CA GLU B 190 -1.53 22.12 12.37
C GLU B 190 -1.35 21.14 13.53
N ASP B 191 -2.40 20.42 13.91
CA ASP B 191 -2.27 19.40 14.95
C ASP B 191 -1.38 18.25 14.47
N PHE B 192 -1.53 17.85 13.22
CA PHE B 192 -0.69 16.80 12.66
C PHE B 192 0.78 17.20 12.71
N ALA B 193 1.09 18.42 12.27
CA ALA B 193 2.47 18.89 12.32
C ALA B 193 2.98 19.02 13.75
N HIS B 194 2.11 19.48 14.66
CA HIS B 194 2.50 19.60 16.07
C HIS B 194 2.94 18.25 16.63
N SER B 195 2.06 17.26 16.54
CA SER B 195 2.38 15.93 17.06
C SER B 195 3.56 15.32 16.33
N SER B 196 3.73 15.63 15.03
CA SER B 196 4.86 15.08 14.28
C SER B 196 6.19 15.65 14.78
N PHE B 197 6.24 16.97 14.99
CA PHE B 197 7.47 17.58 15.49
C PHE B 197 7.74 17.14 16.94
N GLN B 198 6.70 17.09 17.77
CA GLN B 198 6.87 16.65 19.15
C GLN B 198 7.39 15.22 19.21
N MET B 199 6.83 14.33 18.39
CA MET B 199 7.31 12.95 18.35
C MET B 199 8.75 12.90 17.84
N ALA B 200 9.07 13.74 16.85
CA ALA B 200 10.43 13.79 16.31
C ALA B 200 11.43 14.22 17.38
N LEU B 201 11.06 15.18 18.23
CA LEU B 201 11.95 15.59 19.30
C LEU B 201 11.98 14.60 20.45
N SER B 202 10.88 13.89 20.69
CA SER B 202 10.85 12.90 21.77
C SER B 202 11.73 11.70 21.43
N LYS B 203 11.75 11.28 20.17
CA LYS B 203 12.60 10.17 19.77
C LYS B 203 13.98 10.60 19.29
N GLY B 204 14.18 11.88 19.01
CA GLY B 204 15.46 12.36 18.52
C GLY B 204 15.80 11.94 17.11
N TRP B 205 14.80 11.64 16.28
CA TRP B 205 15.00 11.21 14.91
C TRP B 205 14.36 12.18 13.93
N PRO B 206 15.00 12.45 12.79
CA PRO B 206 14.46 13.45 11.85
C PRO B 206 13.07 13.10 11.37
N LEU B 207 12.39 14.11 10.81
CA LEU B 207 11.02 14.01 10.36
C LEU B 207 10.95 14.28 8.87
N TYR B 208 10.24 13.42 8.14
CA TYR B 208 10.03 13.57 6.71
C TYR B 208 8.54 13.57 6.41
N LEU B 209 8.10 14.48 5.55
CA LEU B 209 6.73 14.52 5.09
C LEU B 209 6.69 14.16 3.61
N SER B 210 5.89 13.17 3.26
CA SER B 210 5.76 12.70 1.88
C SER B 210 4.34 12.90 1.40
N THR B 211 4.19 13.46 0.20
CA THR B 211 2.90 13.75 -0.38
C THR B 211 2.95 13.50 -1.88
N LYS B 212 1.77 13.44 -2.49
CA LYS B 212 1.70 13.47 -3.95
C LYS B 212 2.07 14.87 -4.45
N ASN B 213 1.46 15.89 -3.86
CA ASN B 213 1.84 17.30 -3.97
C ASN B 213 1.88 17.85 -5.40
N THR B 214 2.13 16.99 -6.39
CA THR B 214 2.15 17.40 -7.79
C THR B 214 0.86 17.05 -8.52
N ILE B 215 0.35 15.83 -8.30
CA ILE B 215 -0.92 15.44 -8.91
C ILE B 215 -2.05 16.28 -8.34
N LEU B 216 -2.24 16.23 -7.02
CA LEU B 216 -3.14 17.14 -6.33
C LEU B 216 -2.33 18.36 -5.90
N LYS B 217 -2.15 19.27 -6.86
CA LYS B 217 -1.24 20.41 -6.68
C LYS B 217 -1.60 21.22 -5.44
N LYS B 218 -2.85 21.68 -5.37
CA LYS B 218 -3.26 22.57 -4.30
C LYS B 218 -3.45 21.87 -2.96
N TYR B 219 -3.86 20.60 -2.97
CA TYR B 219 -4.25 19.92 -1.73
C TYR B 219 -3.05 19.67 -0.82
N ASP B 220 -2.09 18.86 -1.28
CA ASP B 220 -0.95 18.47 -0.45
C ASP B 220 0.08 19.58 -0.27
N GLY B 221 0.14 20.53 -1.21
CA GLY B 221 0.99 21.69 -1.02
C GLY B 221 0.64 22.48 0.23
N ARG B 222 -0.64 22.52 0.59
CA ARG B 222 -1.05 23.13 1.85
C ARG B 222 -0.41 22.42 3.03
N PHE B 223 -0.38 21.08 3.01
CA PHE B 223 0.25 20.32 4.08
C PHE B 223 1.73 20.66 4.18
N LYS B 224 2.44 20.61 3.05
CA LYS B 224 3.87 20.95 3.05
C LYS B 224 4.10 22.35 3.61
N ASP B 225 3.31 23.32 3.15
CA ASP B 225 3.47 24.70 3.59
C ASP B 225 3.26 24.84 5.08
N ILE B 226 2.14 24.32 5.60
CA ILE B 226 1.86 24.43 7.02
C ILE B 226 2.96 23.77 7.84
N PHE B 227 3.48 22.63 7.37
CA PHE B 227 4.59 21.98 8.06
C PHE B 227 5.81 22.89 8.13
N GLN B 228 6.14 23.57 7.04
CA GLN B 228 7.28 24.48 7.08
C GLN B 228 7.02 25.66 8.00
N GLU B 229 5.81 26.23 7.97
CA GLU B 229 5.50 27.39 8.81
C GLU B 229 5.64 27.03 10.29
N ILE B 230 5.10 25.89 10.69
CA ILE B 230 5.20 25.49 12.09
C ILE B 230 6.63 25.14 12.45
N TYR B 231 7.35 24.47 11.54
CA TYR B 231 8.75 24.11 11.78
C TYR B 231 9.61 25.33 12.03
N ASP B 232 9.42 26.38 11.22
CA ASP B 232 10.27 27.57 11.32
C ASP B 232 9.82 28.47 12.47
N LYS B 233 8.53 28.54 12.74
CA LYS B 233 8.02 29.40 13.80
C LYS B 233 8.05 28.73 15.17
N GLN B 234 8.46 27.47 15.26
CA GLN B 234 8.44 26.81 16.57
C GLN B 234 9.60 25.85 16.83
N TYR B 235 9.99 25.05 15.84
CA TYR B 235 10.82 23.88 16.13
C TYR B 235 12.21 23.88 15.51
N LYS B 236 12.50 24.75 14.55
CA LYS B 236 13.81 24.73 13.89
C LYS B 236 14.97 24.80 14.88
N SER B 237 14.86 25.70 15.87
CA SER B 237 15.93 25.87 16.85
C SER B 237 16.15 24.60 17.67
N GLN B 238 15.07 24.01 18.20
CA GLN B 238 15.23 22.82 19.02
C GLN B 238 15.71 21.62 18.20
N PHE B 239 15.30 21.55 16.93
CA PHE B 239 15.81 20.49 16.06
C PHE B 239 17.30 20.64 15.82
N GLU B 240 17.76 21.83 15.44
CA GLU B 240 19.20 22.02 15.28
C GLU B 240 19.93 21.80 16.59
N ALA B 241 19.27 22.03 17.73
CA ALA B 241 19.84 21.78 19.05
C ALA B 241 19.81 20.32 19.46
N GLN B 242 19.52 19.39 18.54
CA GLN B 242 19.48 17.98 18.89
C GLN B 242 20.00 17.07 17.76
N LYS B 243 20.79 17.63 16.84
CA LYS B 243 21.35 16.86 15.71
C LYS B 243 20.23 16.25 14.87
N ILE B 244 19.14 17.00 14.73
CA ILE B 244 17.94 16.53 14.06
C ILE B 244 17.35 17.68 13.25
N TRP B 245 16.47 17.35 12.32
CA TRP B 245 15.91 18.35 11.41
C TRP B 245 14.57 17.86 10.88
N TYR B 246 13.91 18.73 10.11
CA TYR B 246 12.73 18.38 9.32
C TYR B 246 13.02 18.62 7.85
N GLU B 247 12.39 17.83 6.99
CA GLU B 247 12.57 17.98 5.55
C GLU B 247 11.38 17.39 4.82
N HIS B 248 10.90 18.10 3.81
CA HIS B 248 9.83 17.60 2.95
C HIS B 248 10.38 16.82 1.77
N ARG B 249 9.66 15.77 1.39
CA ARG B 249 9.98 14.97 0.20
C ARG B 249 8.68 14.47 -0.42
N LEU B 250 8.82 13.78 -1.54
CA LEU B 250 7.70 13.11 -2.19
C LEU B 250 7.76 11.61 -1.93
N ILE B 251 6.62 10.94 -2.16
CA ILE B 251 6.49 9.54 -1.76
C ILE B 251 7.56 8.68 -2.44
N ASP B 252 7.69 8.83 -3.75
CA ASP B 252 8.60 7.98 -4.51
C ASP B 252 10.05 8.21 -4.09
N ASP B 253 10.45 9.48 -3.95
CA ASP B 253 11.80 9.78 -3.48
C ASP B 253 11.98 9.38 -2.02
N MET B 254 10.90 9.41 -1.23
CA MET B 254 11.00 8.94 0.15
C MET B 254 11.29 7.45 0.21
N VAL B 255 10.62 6.65 -0.63
CA VAL B 255 10.95 5.24 -0.72
C VAL B 255 12.35 5.04 -1.29
N ALA B 256 12.77 5.93 -2.19
CA ALA B 256 14.10 5.81 -2.79
C ALA B 256 15.20 5.98 -1.75
N GLN B 257 15.18 7.09 -1.01
CA GLN B 257 16.18 7.29 0.03
C GLN B 257 15.99 6.32 1.18
N ALA B 258 14.75 5.91 1.44
CA ALA B 258 14.47 5.01 2.55
C ALA B 258 15.10 3.64 2.33
N MET B 259 14.88 3.05 1.14
CA MET B 259 15.44 1.72 0.85
C MET B 259 16.98 1.73 0.74
N LYS B 260 17.63 2.85 1.07
CA LYS B 260 19.09 2.97 1.05
C LYS B 260 19.58 3.80 2.22
N SER B 261 18.90 3.74 3.37
CA SER B 261 19.25 4.50 4.55
C SER B 261 19.39 3.57 5.75
N GLU B 262 20.08 4.08 6.77
CA GLU B 262 20.26 3.34 8.01
C GLU B 262 18.96 3.16 8.77
N GLY B 263 17.96 4.01 8.52
CA GLY B 263 16.74 4.01 9.29
C GLY B 263 16.78 5.00 10.42
N GLY B 264 15.66 5.09 11.14
CA GLY B 264 15.59 5.99 12.28
C GLY B 264 15.07 7.36 11.92
N PHE B 265 13.80 7.43 11.54
CA PHE B 265 13.17 8.71 11.25
C PHE B 265 11.66 8.59 11.38
N ILE B 266 11.03 9.74 11.58
CA ILE B 266 9.58 9.84 11.71
C ILE B 266 9.05 10.24 10.34
N TRP B 267 8.27 9.35 9.72
CA TRP B 267 7.74 9.57 8.38
C TRP B 267 6.26 9.92 8.51
N ALA B 268 5.92 11.16 8.14
CA ALA B 268 4.54 11.63 8.15
C ALA B 268 3.96 11.47 6.75
N CYS B 269 2.87 10.72 6.64
CA CYS B 269 2.25 10.44 5.34
C CYS B 269 0.92 11.20 5.20
N SER B 287 6.77 -9.63 11.31
CA SER B 287 5.85 -10.22 12.28
C SER B 287 4.99 -9.16 12.97
N LEU B 288 3.68 -9.42 13.04
CA LEU B 288 2.76 -8.46 13.63
C LEU B 288 2.95 -8.35 15.14
N GLY B 289 3.49 -9.40 15.79
CA GLY B 289 3.73 -9.38 17.21
C GLY B 289 4.78 -8.38 17.67
N MET B 290 5.40 -7.66 16.74
CA MET B 290 6.42 -6.68 17.06
C MET B 290 6.02 -5.26 16.70
N MET B 291 4.79 -5.05 16.24
CA MET B 291 4.33 -3.72 15.81
C MET B 291 3.64 -3.03 16.98
N THR B 292 4.02 -1.78 17.22
CA THR B 292 3.50 -1.00 18.34
C THR B 292 2.81 0.25 17.81
N SER B 293 1.58 0.47 18.25
CA SER B 293 0.80 1.63 17.83
C SER B 293 0.55 2.55 19.03
N VAL B 294 0.70 3.85 18.81
CA VAL B 294 0.56 4.84 19.88
C VAL B 294 -0.19 6.05 19.35
N LEU B 295 -1.31 6.38 19.98
CA LEU B 295 -2.06 7.60 19.68
C LEU B 295 -1.51 8.76 20.49
N VAL B 296 -1.03 9.79 19.80
CA VAL B 296 -0.45 10.98 20.42
C VAL B 296 -1.39 12.15 20.14
N CYS B 297 -1.91 12.74 21.22
CA CYS B 297 -2.82 13.87 21.07
C CYS B 297 -2.03 15.12 20.70
N PRO B 298 -2.68 16.09 20.04
CA PRO B 298 -1.95 17.29 19.60
C PRO B 298 -1.40 18.14 20.73
N ASP B 299 -2.08 18.17 21.89
CA ASP B 299 -1.60 18.98 23.01
C ASP B 299 -0.27 18.47 23.54
N GLY B 300 0.11 17.23 23.20
CA GLY B 300 1.39 16.67 23.61
C GLY B 300 1.41 16.03 24.99
N LYS B 301 0.34 16.14 25.77
CA LYS B 301 0.33 15.63 27.13
C LYS B 301 -0.38 14.28 27.27
N THR B 302 -1.26 13.92 26.34
CA THR B 302 -2.07 12.71 26.42
C THR B 302 -1.59 11.69 25.39
N VAL B 303 -1.40 10.45 25.84
CA VAL B 303 -0.87 9.39 24.98
C VAL B 303 -1.53 8.07 25.35
N GLU B 304 -1.91 7.30 24.34
CA GLU B 304 -2.45 5.96 24.53
C GLU B 304 -1.63 4.94 23.74
N ALA B 305 -1.18 3.89 24.40
CA ALA B 305 -0.36 2.87 23.78
C ALA B 305 -1.12 1.56 23.65
N GLU B 306 -0.87 0.85 22.56
CA GLU B 306 -1.51 -0.45 22.36
C GLU B 306 -0.73 -1.21 21.30
N ALA B 307 -0.81 -2.54 21.40
CA ALA B 307 -0.22 -3.38 20.36
C ALA B 307 -0.96 -3.14 19.05
N ALA B 308 -0.22 -3.17 17.94
CA ALA B 308 -0.81 -2.94 16.63
C ALA B 308 -1.57 -4.15 16.11
N HIS B 309 -1.47 -5.30 16.78
CA HIS B 309 -2.14 -6.51 16.34
C HIS B 309 -3.49 -6.67 17.06
N GLY B 310 -4.18 -7.75 16.75
CA GLY B 310 -5.49 -8.04 17.31
C GLY B 310 -5.45 -9.02 18.46
N THR B 311 -6.60 -9.65 18.71
CA THR B 311 -6.78 -10.53 19.85
C THR B 311 -6.23 -11.93 19.63
N VAL B 312 -5.76 -12.23 18.42
CA VAL B 312 -5.17 -13.52 18.08
C VAL B 312 -6.15 -14.64 18.42
N THR B 313 -7.29 -14.64 17.73
CA THR B 313 -8.38 -15.55 18.07
C THR B 313 -8.01 -17.00 17.79
N ARG B 314 -7.26 -17.26 16.72
CA ARG B 314 -6.88 -18.64 16.39
C ARG B 314 -6.05 -19.26 17.50
N HIS B 315 -5.04 -18.53 17.99
CA HIS B 315 -4.25 -19.03 19.10
C HIS B 315 -5.08 -19.13 20.38
N TYR B 316 -6.06 -18.23 20.56
CA TYR B 316 -6.92 -18.38 21.73
C TYR B 316 -7.79 -19.63 21.63
N ARG B 317 -8.18 -20.03 20.43
CA ARG B 317 -8.92 -21.28 20.27
C ARG B 317 -8.03 -22.47 20.56
N MET B 318 -6.77 -22.43 20.10
CA MET B 318 -5.82 -23.47 20.48
C MET B 318 -5.64 -23.55 21.99
N TYR B 319 -5.66 -22.40 22.67
CA TYR B 319 -5.57 -22.40 24.13
C TYR B 319 -6.83 -22.98 24.76
N GLN B 320 -7.99 -22.77 24.13
CA GLN B 320 -9.23 -23.34 24.64
C GLN B 320 -9.23 -24.85 24.50
N LYS B 321 -8.72 -25.37 23.38
CA LYS B 321 -8.66 -26.81 23.14
C LYS B 321 -7.60 -27.51 23.99
N GLY B 322 -6.87 -26.78 24.82
CA GLY B 322 -5.81 -27.38 25.61
C GLY B 322 -4.49 -27.59 24.88
N GLN B 323 -4.35 -27.04 23.68
CA GLN B 323 -3.13 -27.18 22.92
C GLN B 323 -2.08 -26.18 23.39
N GLU B 324 -0.89 -26.26 22.80
CA GLU B 324 0.22 -25.38 23.13
C GLU B 324 0.24 -24.21 22.16
N THR B 325 0.28 -23.00 22.70
CA THR B 325 0.35 -21.77 21.91
C THR B 325 1.75 -21.18 21.99
N SER B 326 1.99 -20.20 21.11
CA SER B 326 3.28 -19.51 21.09
C SER B 326 3.04 -18.12 20.51
N THR B 327 2.57 -17.21 21.36
CA THR B 327 2.22 -15.85 20.97
C THR B 327 3.27 -14.88 21.52
N ASN B 328 3.86 -14.12 20.63
CA ASN B 328 4.84 -13.08 20.99
C ASN B 328 4.15 -11.99 21.79
N PRO B 329 4.61 -11.68 23.00
CA PRO B 329 4.02 -10.58 23.78
C PRO B 329 4.69 -9.23 23.60
N ILE B 330 5.65 -9.12 22.68
CA ILE B 330 6.49 -7.93 22.61
C ILE B 330 5.67 -6.69 22.33
N ALA B 331 4.64 -6.78 21.49
CA ALA B 331 3.90 -5.60 21.10
C ALA B 331 3.15 -4.99 22.29
N SER B 332 2.44 -5.83 23.05
CA SER B 332 1.71 -5.33 24.22
C SER B 332 2.67 -4.93 25.34
N ILE B 333 3.75 -5.70 25.54
CA ILE B 333 4.78 -5.29 26.49
C ILE B 333 5.25 -3.88 26.18
N PHE B 334 5.52 -3.61 24.90
CA PHE B 334 6.00 -2.29 24.53
C PHE B 334 4.92 -1.23 24.66
N ALA B 335 3.65 -1.61 24.52
CA ALA B 335 2.58 -0.69 24.89
C ALA B 335 2.74 -0.27 26.35
N TRP B 336 2.93 -1.25 27.24
CA TRP B 336 3.14 -0.93 28.65
C TRP B 336 4.37 -0.06 28.87
N THR B 337 5.49 -0.38 28.21
CA THR B 337 6.72 0.33 28.51
C THR B 337 6.70 1.74 27.96
N ARG B 338 6.11 1.95 26.78
CA ARG B 338 6.00 3.31 26.26
C ARG B 338 5.03 4.13 27.10
N GLY B 339 3.90 3.54 27.50
CA GLY B 339 3.00 4.26 28.40
C GLY B 339 3.67 4.65 29.71
N LEU B 340 4.45 3.72 30.28
CA LEU B 340 5.15 4.01 31.52
C LEU B 340 6.24 5.06 31.32
N ALA B 341 6.90 5.04 30.16
CA ALA B 341 7.91 6.05 29.86
C ALA B 341 7.28 7.43 29.73
N HIS B 342 6.09 7.52 29.16
CA HIS B 342 5.41 8.80 29.07
C HIS B 342 4.92 9.26 30.44
N ARG B 343 4.39 8.34 31.25
CA ARG B 343 4.01 8.70 32.61
C ARG B 343 5.20 9.21 33.39
N ALA B 344 6.35 8.55 33.26
CA ALA B 344 7.56 9.00 33.94
C ALA B 344 8.00 10.36 33.44
N LYS B 345 7.90 10.59 32.12
CA LYS B 345 8.26 11.90 31.58
C LYS B 345 7.36 12.99 32.14
N LEU B 346 6.09 12.68 32.36
CA LEU B 346 5.18 13.68 32.92
C LEU B 346 5.48 13.93 34.39
N ASP B 347 5.64 12.86 35.17
CA ASP B 347 5.82 12.99 36.62
C ASP B 347 7.26 13.28 37.02
N ASN B 348 8.18 13.45 36.06
CA ASN B 348 9.60 13.61 36.36
C ASN B 348 10.12 12.42 37.16
N ASN B 349 9.69 11.22 36.75
CA ASN B 349 9.93 9.98 37.49
C ASN B 349 11.13 9.26 36.88
N LYS B 350 12.32 9.62 37.37
CA LYS B 350 13.55 9.07 36.82
C LYS B 350 13.62 7.55 37.04
N GLU B 351 13.18 7.08 38.21
CA GLU B 351 13.21 5.65 38.50
C GLU B 351 12.30 4.86 37.57
N LEU B 352 11.06 5.33 37.39
CA LEU B 352 10.12 4.63 36.53
C LEU B 352 10.58 4.67 35.08
N ALA B 353 11.12 5.80 34.63
CA ALA B 353 11.66 5.87 33.28
C ALA B 353 12.76 4.84 33.08
N PHE B 354 13.67 4.75 34.06
CA PHE B 354 14.72 3.73 33.99
C PHE B 354 14.12 2.33 33.96
N PHE B 355 13.02 2.12 34.69
CA PHE B 355 12.38 0.80 34.69
C PHE B 355 11.84 0.44 33.31
N ALA B 356 11.10 1.37 32.68
CA ALA B 356 10.55 1.11 31.36
C ALA B 356 11.66 0.83 30.35
N ASN B 357 12.70 1.67 30.36
CA ASN B 357 13.84 1.43 29.47
C ASN B 357 14.46 0.06 29.74
N ALA B 358 14.56 -0.32 31.02
CA ALA B 358 15.14 -1.60 31.37
C ALA B 358 14.31 -2.76 30.83
N LEU B 359 12.98 -2.63 30.87
CA LEU B 359 12.14 -3.72 30.37
C LEU B 359 12.22 -3.84 28.85
N GLU B 360 12.21 -2.71 28.13
CA GLU B 360 12.45 -2.76 26.69
C GLU B 360 13.78 -3.44 26.39
N GLU B 361 14.83 -3.08 27.14
CA GLU B 361 16.13 -3.74 27.00
C GLU B 361 16.01 -5.24 27.19
N VAL B 362 15.35 -5.68 28.28
CA VAL B 362 15.25 -7.11 28.57
C VAL B 362 14.54 -7.83 27.44
N SER B 363 13.53 -7.19 26.85
CA SER B 363 12.82 -7.80 25.73
C SER B 363 13.74 -7.99 24.53
N ILE B 364 14.29 -6.90 24.00
CA ILE B 364 15.09 -7.01 22.78
C ILE B 364 16.31 -7.90 23.01
N GLU B 365 16.91 -7.81 24.21
CA GLU B 365 18.06 -8.64 24.53
C GLU B 365 17.68 -10.11 24.63
N THR B 366 16.51 -10.41 25.19
CA THR B 366 16.08 -11.79 25.30
C THR B 366 15.82 -12.41 23.92
N ILE B 367 15.26 -11.62 23.00
CA ILE B 367 15.05 -12.17 21.65
C ILE B 367 16.39 -12.31 20.92
N GLU B 368 17.26 -11.29 21.02
CA GLU B 368 18.56 -11.36 20.36
C GLU B 368 19.45 -12.45 20.93
N ALA B 369 19.18 -12.90 22.16
CA ALA B 369 19.96 -13.98 22.76
C ALA B 369 19.63 -15.34 22.18
N GLY B 370 18.49 -15.47 21.49
CA GLY B 370 18.07 -16.73 20.89
C GLY B 370 16.73 -17.23 21.37
N PHE B 371 16.24 -16.76 22.52
CA PHE B 371 14.96 -17.18 23.05
C PHE B 371 13.87 -16.33 22.43
N MET B 372 12.90 -16.98 21.77
CA MET B 372 11.87 -16.29 21.03
C MET B 372 10.69 -17.22 20.84
N THR B 373 9.63 -16.71 20.21
CA THR B 373 8.43 -17.48 19.95
C THR B 373 8.45 -18.05 18.52
N LYS B 374 7.40 -18.82 18.21
CA LYS B 374 7.38 -19.55 16.95
C LYS B 374 7.25 -18.61 15.76
N ASP B 375 6.57 -17.46 15.92
CA ASP B 375 6.43 -16.55 14.79
C ASP B 375 7.79 -15.95 14.40
N LEU B 376 8.61 -15.60 15.39
CA LEU B 376 9.95 -15.08 15.07
C LEU B 376 10.84 -16.18 14.52
N ALA B 377 10.76 -17.39 15.10
CA ALA B 377 11.49 -18.52 14.53
C ALA B 377 11.11 -18.76 13.08
N ALA B 378 9.85 -18.51 12.73
CA ALA B 378 9.42 -18.66 11.34
C ALA B 378 9.94 -17.53 10.48
N CYS B 379 9.97 -16.30 11.02
CA CYS B 379 10.55 -15.20 10.27
C CYS B 379 12.03 -15.44 9.97
N ILE B 380 12.73 -16.18 10.84
CA ILE B 380 14.14 -16.42 10.62
C ILE B 380 14.35 -17.60 9.67
N LYS B 381 13.85 -18.79 10.04
CA LYS B 381 14.18 -20.02 9.34
C LYS B 381 13.16 -20.42 8.27
N GLY B 382 12.09 -19.64 8.10
CA GLY B 382 11.03 -20.08 7.21
C GLY B 382 10.17 -21.13 7.87
N LEU B 383 8.85 -21.04 7.66
CA LEU B 383 7.90 -21.91 8.36
C LEU B 383 8.22 -23.40 8.21
N PRO B 384 8.32 -23.96 6.99
CA PRO B 384 8.47 -25.42 6.86
C PRO B 384 9.73 -25.99 7.49
N ASN B 385 10.64 -25.16 7.99
CA ASN B 385 11.87 -25.63 8.62
C ASN B 385 11.90 -25.32 10.10
N VAL B 386 10.79 -24.91 10.70
CA VAL B 386 10.74 -24.56 12.11
C VAL B 386 10.64 -25.85 12.93
N GLN B 387 11.72 -26.20 13.62
CA GLN B 387 11.69 -27.29 14.58
C GLN B 387 11.27 -26.75 15.95
N ARG B 388 10.65 -27.62 16.74
CA ARG B 388 10.14 -27.22 18.04
C ARG B 388 11.27 -26.60 18.88
N SER B 389 12.45 -27.23 18.85
CA SER B 389 13.61 -26.80 19.60
C SER B 389 14.13 -25.43 19.19
N ASP B 390 13.42 -24.76 18.28
CA ASP B 390 13.80 -23.41 17.87
C ASP B 390 13.02 -22.33 18.61
N TYR B 391 11.95 -22.66 19.32
CA TYR B 391 11.17 -21.61 19.98
C TYR B 391 10.66 -22.10 21.32
N LEU B 392 10.11 -21.15 22.10
CA LEU B 392 9.43 -21.40 23.35
C LEU B 392 7.95 -21.09 23.20
N ASN B 393 7.13 -21.70 24.05
CA ASN B 393 5.72 -21.35 24.07
C ASN B 393 5.52 -20.05 24.86
N THR B 394 4.27 -19.60 24.92
CA THR B 394 3.98 -18.28 25.49
C THR B 394 4.43 -18.21 26.94
N PHE B 395 4.08 -19.20 27.75
CA PHE B 395 4.40 -19.16 29.17
C PHE B 395 5.90 -19.28 29.40
N GLU B 396 6.58 -20.11 28.60
CA GLU B 396 8.03 -20.24 28.73
C GLU B 396 8.73 -18.93 28.38
N PHE B 397 8.29 -18.27 27.30
CA PHE B 397 8.90 -17.01 26.92
C PHE B 397 8.66 -15.94 27.96
N MET B 398 7.45 -15.89 28.52
CA MET B 398 7.18 -14.94 29.61
C MET B 398 8.08 -15.23 30.81
N ASP B 399 8.27 -16.50 31.16
CA ASP B 399 9.17 -16.85 32.25
C ASP B 399 10.59 -16.38 31.96
N LYS B 400 11.07 -16.58 30.73
CA LYS B 400 12.42 -16.15 30.37
C LYS B 400 12.56 -14.64 30.49
N LEU B 401 11.55 -13.90 30.03
CA LEU B 401 11.56 -12.45 30.19
C LEU B 401 11.57 -12.06 31.66
N GLY B 402 10.88 -12.84 32.51
CA GLY B 402 10.92 -12.57 33.93
C GLY B 402 12.30 -12.78 34.53
N GLU B 403 12.93 -13.91 34.20
CA GLU B 403 14.29 -14.17 34.68
C GLU B 403 15.25 -13.07 34.26
N ASN B 404 15.27 -12.77 32.96
CA ASN B 404 16.17 -11.73 32.46
C ASN B 404 15.84 -10.36 33.02
N LEU B 405 14.56 -10.11 33.33
CA LEU B 405 14.19 -8.82 33.92
C LEU B 405 14.70 -8.71 35.36
N LYS B 406 14.55 -9.77 36.16
CA LYS B 406 15.07 -9.74 37.52
C LYS B 406 16.59 -9.60 37.51
N ILE B 407 17.27 -10.36 36.65
CA ILE B 407 18.72 -10.28 36.55
C ILE B 407 19.14 -8.88 36.13
N LYS B 408 18.51 -8.35 35.07
CA LYS B 408 18.86 -7.04 34.56
C LYS B 408 18.64 -5.95 35.60
N LEU B 409 17.49 -5.99 36.29
CA LEU B 409 17.21 -4.97 37.29
C LEU B 409 18.11 -5.10 38.52
N ALA B 410 18.66 -6.28 38.78
CA ALA B 410 19.61 -6.39 39.89
C ALA B 410 21.01 -5.93 39.49
N GLN B 411 21.47 -6.27 38.28
CA GLN B 411 22.84 -5.97 37.87
C GLN B 411 23.02 -4.55 37.34
N ALA B 412 22.06 -4.06 36.55
CA ALA B 412 22.17 -2.76 35.90
C ALA B 412 22.09 -1.58 36.86
N LYS B 413 21.97 -1.82 38.16
CA LYS B 413 21.80 -0.75 39.12
C LYS B 413 22.67 -0.98 40.36
#